data_2Q5J
#
_entry.id   2Q5J
#
_cell.length_a   100.541
_cell.length_b   179.809
_cell.length_c   121.030
_cell.angle_alpha   90.00
_cell.angle_beta   90.00
_cell.angle_gamma   90.00
#
_symmetry.space_group_name_H-M   'C 2 2 21'
#
loop_
_entity.id
_entity.type
_entity.pdbx_description
1 polymer 'Phenylpyruvate decarboxylase'
2 non-polymer 'MAGNESIUM ION'
3 non-polymer '2-{4-[(4-AMINO-2-METHYLPYRIMIDIN-5-YL)METHYL]-3-METHYLTHIOPHEN-2-YL}ETHYL TRIHYDROGEN DIPHOSPHATE'
4 water water
#
_entity_poly.entity_id   1
_entity_poly.type   'polypeptide(L)'
_entity_poly.pdbx_seq_one_letter_code
;MGSSHHHHHHSSGLVPRGSHMKLAEALLRALKDRGAQAMFGIPGDFALPFFKVAEETQILPLHTLSHEPAVGFAADAAAR
YSSTLGVAAVTYGAGAFNMVNAVAGAYAEKSPVVVISGAPGTTEGNAGLLLHHQGRTLDTQFQVFKEITVAQARLDDPAK
APAEIARVLGAARAQSRPVYLEIPRNMVNAEVEPVGDDPAWPVDRDALAACADEVLAAMRSATSPVLMVCVEVRRYGLEA
KVAELAQRLGVPVVTTFMGRGLLADAPTPPLGTYIGVAGDAEITRLVEESDGLFLLGAILSDTNFAVSQRKIDLRKTIHA
FDRAVTLGYHTYADIPLAGLVDALLERLPPSDRTTRGKEPHAYPTGLQADGEPIAPMDIARAVNDRVRAGQEPLLIAADM
GDCLFTAMDMIDAGLMAPGYYAGMGFGVPAGIGAQCVSGGKRILTVVGDGAFQMTGWELGNCRRLGIDPIVILFNNASWE
MLRTFQPESAFNDLDDWRFADMAAGMGGDGVRVRTRAELKAALDKAFATRGRFQLIEAMIPRGVLSDTLARFVQGQKRLH
AAPRE
;
_entity_poly.pdbx_strand_id   A,B
#
# COMPACT_ATOMS: atom_id res chain seq x y z
N MET A 21 17.18 15.94 27.67
CA MET A 21 16.14 15.07 27.04
C MET A 21 15.97 15.26 25.53
N LYS A 22 16.17 14.18 24.78
CA LYS A 22 16.06 14.19 23.32
C LYS A 22 14.67 14.59 22.81
N LEU A 23 14.56 14.80 21.49
CA LEU A 23 13.30 15.18 20.86
C LEU A 23 12.40 13.97 20.71
N ALA A 24 12.95 12.89 20.16
CA ALA A 24 12.20 11.66 19.97
C ALA A 24 11.63 11.30 21.33
N GLU A 25 12.52 11.27 22.30
CA GLU A 25 12.17 10.94 23.68
C GLU A 25 10.94 11.74 24.08
N ALA A 26 11.02 13.05 23.90
CA ALA A 26 9.93 13.96 24.25
C ALA A 26 8.60 13.63 23.55
N LEU A 27 8.68 13.19 22.29
CA LEU A 27 7.49 12.86 21.52
C LEU A 27 6.89 11.60 22.12
N LEU A 28 7.74 10.59 22.29
CA LEU A 28 7.32 9.32 22.87
C LEU A 28 6.65 9.54 24.22
N ARG A 29 7.25 10.39 25.05
CA ARG A 29 6.66 10.65 26.35
C ARG A 29 5.33 11.37 26.09
N ALA A 30 5.39 12.47 25.34
CA ALA A 30 4.19 13.21 25.02
C ALA A 30 3.13 12.23 24.54
N LEU A 31 3.54 11.23 23.77
CA LEU A 31 2.59 10.24 23.26
C LEU A 31 2.05 9.34 24.38
N LYS A 32 2.94 8.81 25.21
CA LYS A 32 2.48 7.94 26.30
C LYS A 32 1.50 8.60 27.26
N ASP A 33 1.74 9.87 27.59
CA ASP A 33 0.85 10.58 28.51
C ASP A 33 -0.60 10.65 28.02
N ARG A 34 -0.76 10.73 26.71
CA ARG A 34 -2.11 10.82 26.15
C ARG A 34 -2.78 9.46 25.91
N GLY A 35 -2.18 8.40 26.45
CA GLY A 35 -2.77 7.08 26.31
C GLY A 35 -1.98 6.03 25.56
N ALA A 36 -1.00 6.47 24.77
CA ALA A 36 -0.17 5.57 23.98
C ALA A 36 0.10 4.27 24.71
N GLN A 37 -0.04 3.15 24.00
CA GLN A 37 0.20 1.83 24.59
C GLN A 37 1.31 1.05 23.89
N ALA A 38 1.69 1.49 22.70
CA ALA A 38 2.74 0.83 21.94
C ALA A 38 3.07 1.59 20.67
N MET A 39 4.07 1.11 19.95
CA MET A 39 4.47 1.75 18.71
C MET A 39 4.74 0.69 17.65
N PHE A 40 3.95 0.76 16.59
CA PHE A 40 4.09 -0.16 15.48
C PHE A 40 4.84 0.58 14.38
N GLY A 41 5.85 -0.06 13.79
CA GLY A 41 6.58 0.62 12.75
C GLY A 41 7.48 -0.27 11.94
N ILE A 42 8.17 0.32 10.96
CA ILE A 42 9.12 -0.36 10.09
C ILE A 42 10.13 0.69 9.65
N PRO A 43 11.40 0.51 10.04
CA PRO A 43 12.54 1.38 9.77
C PRO A 43 13.01 1.58 8.32
N GLY A 44 14.04 2.41 8.20
CA GLY A 44 14.63 2.74 6.93
C GLY A 44 15.68 3.77 7.29
N ASP A 45 16.59 4.06 6.36
CA ASP A 45 17.66 5.03 6.61
C ASP A 45 17.31 6.15 7.60
N PHE A 46 16.39 7.03 7.22
CA PHE A 46 15.99 8.16 8.06
C PHE A 46 15.32 7.78 9.37
N ALA A 47 14.59 6.68 9.35
CA ALA A 47 13.88 6.20 10.51
C ALA A 47 14.87 5.71 11.56
N LEU A 48 15.87 4.94 11.11
CA LEU A 48 16.90 4.38 11.99
C LEU A 48 17.23 5.23 13.23
N PRO A 49 17.74 6.46 13.03
CA PRO A 49 18.08 7.30 14.18
C PRO A 49 16.89 7.43 15.13
N PHE A 50 15.70 7.58 14.57
CA PHE A 50 14.52 7.70 15.40
C PHE A 50 14.23 6.42 16.15
N PHE A 51 14.31 5.29 15.46
CA PHE A 51 14.03 4.01 16.12
C PHE A 51 15.00 3.66 17.23
N LYS A 52 16.25 4.09 17.11
CA LYS A 52 17.24 3.83 18.14
C LYS A 52 16.71 4.38 19.47
N VAL A 53 16.31 5.65 19.47
CA VAL A 53 15.77 6.28 20.68
C VAL A 53 14.61 5.39 21.14
N ALA A 54 13.62 5.27 20.27
CA ALA A 54 12.44 4.46 20.53
C ALA A 54 12.81 3.17 21.27
N GLU A 55 13.54 2.30 20.59
CA GLU A 55 13.94 1.04 21.18
C GLU A 55 14.55 1.24 22.55
N GLU A 56 15.52 2.15 22.65
CA GLU A 56 16.20 2.40 23.92
C GLU A 56 15.30 2.98 25.03
N THR A 57 14.87 4.24 24.89
CA THR A 57 14.02 4.89 25.88
C THR A 57 12.88 4.01 26.40
N GLN A 58 12.56 2.96 25.66
CA GLN A 58 11.50 2.04 26.03
C GLN A 58 10.23 2.71 26.57
N ILE A 59 10.06 3.99 26.26
CA ILE A 59 8.86 4.69 26.72
C ILE A 59 7.63 3.91 26.28
N LEU A 60 7.62 3.53 25.00
CA LEU A 60 6.54 2.77 24.41
C LEU A 60 7.15 1.50 23.87
N PRO A 61 6.34 0.42 23.76
CA PRO A 61 6.77 -0.88 23.24
C PRO A 61 7.00 -0.76 21.74
N LEU A 62 8.14 -1.22 21.23
CA LEU A 62 8.38 -1.10 19.79
C LEU A 62 8.10 -2.39 19.03
N HIS A 63 6.90 -2.47 18.46
CA HIS A 63 6.48 -3.63 17.70
C HIS A 63 6.66 -3.43 16.17
N THR A 64 7.52 -4.24 15.56
CA THR A 64 7.75 -4.16 14.12
C THR A 64 6.90 -5.20 13.41
N LEU A 65 6.57 -4.93 12.16
CA LEU A 65 5.79 -5.83 11.37
C LEU A 65 6.54 -6.13 10.08
N SER A 66 5.81 -6.59 9.06
CA SER A 66 6.44 -6.94 7.79
C SER A 66 6.24 -5.94 6.67
N HIS A 67 4.99 -5.58 6.42
CA HIS A 67 4.66 -4.63 5.37
C HIS A 67 3.95 -3.43 5.98
N GLU A 68 4.28 -2.23 5.51
CA GLU A 68 3.68 -0.99 6.02
C GLU A 68 2.17 -1.03 6.27
N PRO A 69 1.38 -1.49 5.29
CA PRO A 69 -0.08 -1.54 5.49
C PRO A 69 -0.42 -2.14 6.85
N ALA A 70 0.15 -3.31 7.11
CA ALA A 70 -0.06 -4.01 8.38
C ALA A 70 0.19 -3.02 9.53
N VAL A 71 1.36 -2.41 9.53
CA VAL A 71 1.75 -1.42 10.53
C VAL A 71 0.66 -0.38 10.72
N GLY A 72 0.10 0.08 9.60
CA GLY A 72 -0.95 1.09 9.65
C GLY A 72 -2.24 0.54 10.24
N PHE A 73 -2.61 -0.67 9.83
CA PHE A 73 -3.82 -1.30 10.34
C PHE A 73 -3.67 -1.63 11.81
N ALA A 74 -2.51 -2.18 12.17
CA ALA A 74 -2.22 -2.56 13.54
C ALA A 74 -2.32 -1.34 14.43
N ALA A 75 -1.62 -0.28 14.05
CA ALA A 75 -1.63 0.97 14.81
C ALA A 75 -3.06 1.47 14.98
N ASP A 76 -3.82 1.37 13.90
CA ASP A 76 -5.22 1.81 13.87
C ASP A 76 -6.03 1.01 14.89
N ALA A 77 -5.87 -0.32 14.84
CA ALA A 77 -6.59 -1.21 15.74
C ALA A 77 -6.25 -0.85 17.18
N ALA A 78 -4.96 -0.79 17.45
CA ALA A 78 -4.46 -0.46 18.78
C ALA A 78 -5.24 0.72 19.35
N ALA A 79 -5.29 1.80 18.60
CA ALA A 79 -5.98 2.99 19.04
C ALA A 79 -7.44 2.68 19.38
N ARG A 80 -8.17 2.15 18.41
CA ARG A 80 -9.58 1.82 18.62
C ARG A 80 -9.76 0.98 19.86
N TYR A 81 -8.95 -0.06 19.98
CA TYR A 81 -9.04 -0.97 21.12
C TYR A 81 -9.14 -0.21 22.43
N SER A 82 -8.20 0.68 22.69
CA SER A 82 -8.18 1.43 23.93
C SER A 82 -8.78 2.82 23.79
N SER A 83 -9.60 3.03 22.76
CA SER A 83 -10.21 4.34 22.52
C SER A 83 -9.17 5.36 22.95
N THR A 84 -7.97 5.21 22.38
CA THR A 84 -6.85 6.09 22.69
C THR A 84 -6.11 6.39 21.40
N LEU A 85 -4.84 6.76 21.51
CA LEU A 85 -4.02 7.08 20.35
C LEU A 85 -3.23 5.87 19.85
N GLY A 86 -3.08 5.79 18.54
CA GLY A 86 -2.33 4.71 17.93
C GLY A 86 -1.06 5.35 17.40
N VAL A 87 -0.03 4.55 17.12
CA VAL A 87 1.20 5.13 16.62
C VAL A 87 1.91 4.26 15.58
N ALA A 88 1.98 4.77 14.36
CA ALA A 88 2.66 4.07 13.29
C ALA A 88 3.92 4.84 12.96
N ALA A 89 5.05 4.14 12.98
CA ALA A 89 6.33 4.78 12.68
C ALA A 89 6.90 4.24 11.38
N VAL A 90 7.00 5.13 10.39
CA VAL A 90 7.52 4.77 9.07
C VAL A 90 8.78 5.56 8.73
N THR A 91 9.31 5.27 7.56
CA THR A 91 10.50 5.94 7.05
C THR A 91 10.06 6.74 5.83
N TYR A 92 10.88 7.71 5.43
CA TYR A 92 10.59 8.58 4.29
C TYR A 92 10.47 7.86 2.94
N GLY A 93 9.54 8.35 2.12
CA GLY A 93 9.37 7.78 0.79
C GLY A 93 8.52 6.52 0.67
N ALA A 94 9.10 5.51 0.03
CA ALA A 94 8.43 4.24 -0.17
C ALA A 94 7.75 3.81 1.10
N GLY A 95 8.48 3.93 2.20
CA GLY A 95 7.91 3.54 3.48
C GLY A 95 6.61 4.26 3.81
N ALA A 96 6.67 5.58 3.89
CA ALA A 96 5.49 6.36 4.20
C ALA A 96 4.38 6.12 3.19
N PHE A 97 4.72 6.13 1.91
CA PHE A 97 3.70 5.94 0.87
C PHE A 97 2.98 4.61 0.97
N ASN A 98 3.75 3.53 0.97
CA ASN A 98 3.19 2.18 1.04
C ASN A 98 2.27 1.98 2.25
N MET A 99 1.98 3.06 2.97
CA MET A 99 1.11 3.01 4.15
C MET A 99 0.00 4.08 4.14
N VAL A 100 -0.17 4.75 3.02
CA VAL A 100 -1.19 5.79 2.91
C VAL A 100 -2.59 5.19 3.08
N ASN A 101 -2.81 4.04 2.45
CA ASN A 101 -4.10 3.39 2.53
C ASN A 101 -4.61 3.19 3.96
N ALA A 102 -3.83 2.53 4.80
CA ALA A 102 -4.26 2.29 6.18
C ALA A 102 -4.63 3.58 6.90
N VAL A 103 -3.83 4.62 6.70
CA VAL A 103 -4.06 5.90 7.34
C VAL A 103 -5.36 6.54 6.85
N ALA A 104 -5.68 6.33 5.58
CA ALA A 104 -6.90 6.90 5.03
C ALA A 104 -8.12 6.26 5.70
N GLY A 105 -8.19 4.94 5.64
CA GLY A 105 -9.31 4.25 6.24
C GLY A 105 -9.40 4.59 7.72
N ALA A 106 -8.26 4.95 8.27
CA ALA A 106 -8.19 5.34 9.67
C ALA A 106 -8.93 6.66 9.77
N TYR A 107 -8.53 7.60 8.92
CA TYR A 107 -9.13 8.93 8.88
C TYR A 107 -10.63 8.80 8.71
N ALA A 108 -11.02 7.93 7.80
CA ALA A 108 -12.42 7.71 7.52
C ALA A 108 -13.24 7.33 8.75
N GLU A 109 -12.74 6.35 9.50
CA GLU A 109 -13.44 5.85 10.68
C GLU A 109 -13.07 6.49 12.02
N LYS A 110 -12.65 7.75 11.98
CA LYS A 110 -12.28 8.52 13.16
C LYS A 110 -11.35 7.82 14.17
N SER A 111 -10.24 7.28 13.66
CA SER A 111 -9.26 6.62 14.51
C SER A 111 -7.97 7.44 14.43
N PRO A 112 -7.58 8.08 15.55
CA PRO A 112 -6.38 8.91 15.67
C PRO A 112 -5.05 8.18 15.58
N VAL A 113 -4.64 7.84 14.36
CA VAL A 113 -3.38 7.15 14.17
C VAL A 113 -2.31 8.21 14.00
N VAL A 114 -1.44 8.32 14.99
CA VAL A 114 -0.36 9.28 14.91
C VAL A 114 0.72 8.72 14.00
N VAL A 115 0.86 9.34 12.82
CA VAL A 115 1.85 8.90 11.84
C VAL A 115 3.21 9.57 12.02
N ILE A 116 4.23 8.77 12.28
CA ILE A 116 5.55 9.34 12.47
C ILE A 116 6.52 8.88 11.39
N SER A 117 6.82 9.79 10.48
CA SER A 117 7.71 9.50 9.37
C SER A 117 9.09 10.10 9.54
N GLY A 118 10.12 9.26 9.49
CA GLY A 118 11.47 9.77 9.58
C GLY A 118 11.70 10.47 8.26
N ALA A 119 12.61 11.43 8.21
CA ALA A 119 12.84 12.15 6.96
C ALA A 119 14.27 12.69 6.82
N PRO A 120 14.58 13.28 5.66
CA PRO A 120 15.92 13.82 5.39
C PRO A 120 16.40 14.81 6.45
N GLY A 121 17.72 14.96 6.53
CA GLY A 121 18.28 15.91 7.48
C GLY A 121 17.93 17.30 7.00
N THR A 122 17.83 18.26 7.92
CA THR A 122 17.47 19.63 7.55
C THR A 122 18.59 20.31 6.77
N THR A 123 19.79 19.76 6.87
CA THR A 123 20.91 20.34 6.16
C THR A 123 20.99 19.64 4.80
N GLU A 124 20.55 18.39 4.75
CA GLU A 124 20.58 17.60 3.52
C GLU A 124 19.58 18.10 2.48
N THR A 140 5.49 15.28 -3.46
CA THR A 140 5.96 15.39 -2.08
C THR A 140 5.08 14.67 -1.08
N GLN A 141 5.73 13.89 -0.25
CA GLN A 141 5.11 13.12 0.79
C GLN A 141 4.28 14.02 1.71
N PHE A 142 4.84 15.18 2.07
CA PHE A 142 4.13 16.08 2.97
C PHE A 142 2.83 16.53 2.36
N GLN A 143 2.87 16.81 1.06
CA GLN A 143 1.67 17.27 0.37
C GLN A 143 0.59 16.23 0.27
N VAL A 144 0.97 14.96 0.29
CA VAL A 144 -0.04 13.91 0.20
C VAL A 144 -0.72 13.73 1.55
N PHE A 145 0.08 13.55 2.60
CA PHE A 145 -0.50 13.33 3.92
C PHE A 145 -1.44 14.41 4.39
N LYS A 146 -1.19 15.66 3.99
CA LYS A 146 -2.06 16.74 4.43
C LYS A 146 -3.48 16.38 4.01
N GLU A 147 -3.60 15.53 2.99
CA GLU A 147 -4.88 15.09 2.46
C GLU A 147 -5.57 13.98 3.26
N ILE A 148 -4.88 13.38 4.22
CA ILE A 148 -5.49 12.31 5.04
C ILE A 148 -5.22 12.43 6.54
N THR A 149 -4.96 13.64 7.00
CA THR A 149 -4.72 13.90 8.41
C THR A 149 -5.23 15.30 8.74
N VAL A 150 -5.94 15.43 9.86
CA VAL A 150 -6.48 16.73 10.25
C VAL A 150 -5.44 17.71 10.78
N ALA A 151 -4.17 17.32 10.69
CA ALA A 151 -3.09 18.18 11.17
C ALA A 151 -1.73 17.53 10.93
N GLN A 152 -0.76 18.33 10.54
CA GLN A 152 0.58 17.81 10.29
C GLN A 152 1.58 18.80 10.85
N ALA A 153 2.84 18.43 10.76
CA ALA A 153 3.93 19.27 11.25
C ALA A 153 5.26 18.62 10.94
N ARG A 154 6.27 19.44 10.74
CA ARG A 154 7.61 18.98 10.46
C ARG A 154 8.42 19.69 11.54
N LEU A 155 8.96 18.90 12.46
CA LEU A 155 9.73 19.42 13.58
C LEU A 155 11.18 19.74 13.20
N ASP A 156 11.38 20.79 12.42
CA ASP A 156 12.72 21.18 11.99
C ASP A 156 13.34 22.26 12.86
N ASP A 157 12.66 22.58 13.97
CA ASP A 157 13.14 23.60 14.88
C ASP A 157 12.84 23.21 16.32
N PRO A 158 13.85 22.72 17.04
CA PRO A 158 13.76 22.29 18.44
C PRO A 158 13.09 23.26 19.40
N ALA A 159 13.17 24.55 19.10
CA ALA A 159 12.56 25.56 19.95
C ALA A 159 11.05 25.50 19.81
N LYS A 160 10.59 25.10 18.63
CA LYS A 160 9.17 24.99 18.34
C LYS A 160 8.62 23.58 18.56
N ALA A 161 9.47 22.58 18.35
CA ALA A 161 9.08 21.18 18.51
C ALA A 161 8.11 20.92 19.67
N PRO A 162 8.46 21.35 20.89
CA PRO A 162 7.58 21.13 22.05
C PRO A 162 6.11 21.50 21.85
N ALA A 163 5.84 22.67 21.29
CA ALA A 163 4.46 23.12 21.07
C ALA A 163 3.79 22.41 19.91
N GLU A 164 4.52 22.23 18.82
CA GLU A 164 3.96 21.56 17.65
C GLU A 164 3.45 20.18 18.01
N ILE A 165 4.28 19.40 18.68
CA ILE A 165 3.86 18.07 19.10
C ILE A 165 2.55 18.17 19.87
N ALA A 166 2.49 19.14 20.78
CA ALA A 166 1.31 19.35 21.61
C ALA A 166 0.09 19.87 20.86
N ARG A 167 0.32 20.42 19.67
CA ARG A 167 -0.78 20.94 18.85
C ARG A 167 -1.40 19.84 18.03
N VAL A 168 -0.55 19.12 17.29
CA VAL A 168 -0.97 18.03 16.43
C VAL A 168 -1.73 16.95 17.15
N LEU A 169 -1.09 16.35 18.16
CA LEU A 169 -1.72 15.30 18.95
C LEU A 169 -3.05 15.86 19.43
N GLY A 170 -3.02 17.12 19.85
CA GLY A 170 -4.23 17.77 20.34
C GLY A 170 -5.39 17.51 19.42
N ALA A 171 -5.29 17.98 18.18
CA ALA A 171 -6.35 17.80 17.21
C ALA A 171 -6.73 16.34 17.13
N ALA A 172 -5.75 15.49 16.84
CA ALA A 172 -5.99 14.06 16.73
C ALA A 172 -6.95 13.63 17.83
N ARG A 173 -6.82 14.22 18.99
CA ARG A 173 -7.68 13.89 20.11
C ARG A 173 -9.03 14.59 20.00
N ALA A 174 -9.01 15.87 19.65
CA ALA A 174 -10.22 16.68 19.54
C ALA A 174 -11.16 16.24 18.43
N GLN A 175 -10.59 15.96 17.26
CA GLN A 175 -11.36 15.54 16.10
C GLN A 175 -11.32 14.03 15.90
N SER A 176 -10.44 13.37 16.63
CA SER A 176 -10.31 11.91 16.53
C SER A 176 -10.01 11.49 15.10
N ARG A 177 -8.87 11.93 14.59
CA ARG A 177 -8.47 11.58 13.23
C ARG A 177 -6.95 11.54 13.20
N PRO A 178 -6.38 10.82 12.23
CA PRO A 178 -4.93 10.68 12.08
C PRO A 178 -4.20 12.02 11.88
N VAL A 179 -3.02 12.11 12.47
CA VAL A 179 -2.21 13.31 12.34
C VAL A 179 -0.87 12.89 11.77
N TYR A 180 -0.12 13.85 11.25
CA TYR A 180 1.16 13.57 10.63
C TYR A 180 2.35 14.32 11.20
N LEU A 181 3.36 13.56 11.64
CA LEU A 181 4.59 14.14 12.19
C LEU A 181 5.75 13.59 11.38
N GLU A 182 6.50 14.51 10.76
CA GLU A 182 7.63 14.20 9.90
C GLU A 182 8.94 14.67 10.57
N ILE A 183 9.75 13.71 11.00
CA ILE A 183 11.01 14.00 11.70
C ILE A 183 12.33 13.85 10.91
N PRO A 184 13.12 14.94 10.82
CA PRO A 184 14.42 14.96 10.13
C PRO A 184 15.41 14.21 11.01
N ARG A 185 15.98 13.12 10.52
CA ARG A 185 16.91 12.32 11.32
C ARG A 185 17.96 13.09 12.14
N ASN A 186 18.21 14.34 11.77
CA ASN A 186 19.19 15.16 12.48
C ASN A 186 18.53 15.98 13.57
N MET A 187 17.39 15.52 14.06
CA MET A 187 16.66 16.23 15.11
C MET A 187 16.09 15.25 16.13
N VAL A 188 16.42 13.97 15.97
CA VAL A 188 15.93 12.93 16.86
C VAL A 188 16.55 13.05 18.24
N ASN A 189 17.68 13.74 18.33
CA ASN A 189 18.39 13.90 19.59
C ASN A 189 18.43 15.33 20.13
N ALA A 190 18.02 16.31 19.33
CA ALA A 190 18.04 17.71 19.75
C ALA A 190 17.21 17.98 20.99
N GLU A 191 17.83 18.52 22.04
CA GLU A 191 17.13 18.82 23.28
C GLU A 191 15.95 19.76 23.02
N VAL A 192 14.85 19.55 23.75
CA VAL A 192 13.66 20.38 23.61
C VAL A 192 12.89 20.50 24.92
N GLU A 193 12.27 21.65 25.14
CA GLU A 193 11.48 21.85 26.35
C GLU A 193 10.41 20.75 26.34
N PRO A 194 10.10 20.17 27.52
CA PRO A 194 9.08 19.13 27.59
C PRO A 194 7.79 19.53 26.88
N VAL A 195 7.09 18.55 26.33
CA VAL A 195 5.85 18.80 25.61
C VAL A 195 4.70 19.21 26.53
N GLY A 196 4.09 20.34 26.25
CA GLY A 196 3.00 20.82 27.07
C GLY A 196 1.74 19.98 27.07
N ASP A 197 0.62 20.67 27.28
CA ASP A 197 -0.69 20.06 27.30
C ASP A 197 -1.38 20.50 26.02
N ASP A 198 -2.41 19.77 25.61
CA ASP A 198 -3.15 20.13 24.40
C ASP A 198 -3.64 21.56 24.51
N PRO A 199 -3.70 22.28 23.37
CA PRO A 199 -4.18 23.66 23.37
C PRO A 199 -5.69 23.63 23.22
N ALA A 200 -6.40 24.19 24.20
CA ALA A 200 -7.85 24.21 24.18
C ALA A 200 -8.46 24.62 22.83
N TRP A 201 -9.66 24.11 22.55
CA TRP A 201 -10.37 24.41 21.31
C TRP A 201 -11.61 25.29 21.55
N PRO A 202 -11.97 26.11 20.56
CA PRO A 202 -13.13 27.01 20.64
C PRO A 202 -14.41 26.31 21.06
N VAL A 203 -14.96 26.76 22.19
CA VAL A 203 -16.19 26.18 22.70
C VAL A 203 -17.23 27.28 22.91
N ASP A 204 -17.96 27.56 21.84
CA ASP A 204 -18.99 28.59 21.83
C ASP A 204 -20.13 28.26 22.81
N ARG A 205 -19.91 28.59 24.08
CA ARG A 205 -20.85 28.33 25.17
C ARG A 205 -22.32 28.70 24.92
N ASP A 206 -22.54 29.79 24.17
CA ASP A 206 -23.91 30.24 23.90
C ASP A 206 -24.66 29.38 22.90
N ALA A 207 -23.96 28.99 21.83
CA ALA A 207 -24.59 28.14 20.80
C ALA A 207 -24.89 26.79 21.43
N LEU A 208 -23.98 26.34 22.28
CA LEU A 208 -24.14 25.07 22.96
C LEU A 208 -25.48 25.07 23.67
N ALA A 209 -25.73 26.12 24.43
CA ALA A 209 -26.97 26.26 25.18
C ALA A 209 -28.18 26.50 24.26
N ALA A 210 -27.95 27.22 23.17
CA ALA A 210 -29.03 27.50 22.23
C ALA A 210 -29.35 26.24 21.44
N CYS A 211 -28.33 25.49 21.08
CA CYS A 211 -28.51 24.26 20.33
C CYS A 211 -29.32 23.30 21.18
N ALA A 212 -28.80 23.03 22.38
CA ALA A 212 -29.46 22.11 23.30
C ALA A 212 -30.95 22.40 23.33
N ASP A 213 -31.32 23.67 23.46
CA ASP A 213 -32.73 24.03 23.48
C ASP A 213 -33.42 23.65 22.18
N GLU A 214 -32.86 24.10 21.05
CA GLU A 214 -33.45 23.78 19.76
C GLU A 214 -33.54 22.26 19.66
N VAL A 215 -32.41 21.61 19.93
CA VAL A 215 -32.31 20.16 19.86
C VAL A 215 -33.41 19.45 20.64
N LEU A 216 -33.42 19.65 21.95
CA LEU A 216 -34.41 19.05 22.81
C LEU A 216 -35.82 19.33 22.28
N ALA A 217 -36.16 20.61 22.12
CA ALA A 217 -37.48 20.96 21.59
C ALA A 217 -37.74 20.13 20.35
N ALA A 218 -36.84 20.25 19.38
CA ALA A 218 -36.94 19.52 18.12
C ALA A 218 -37.38 18.07 18.38
N MET A 219 -36.77 17.44 19.37
CA MET A 219 -37.08 16.07 19.75
C MET A 219 -38.49 15.93 20.28
N ARG A 220 -38.70 16.41 21.50
CA ARG A 220 -39.99 16.35 22.18
C ARG A 220 -41.15 16.58 21.23
N SER A 221 -40.99 17.57 20.36
CA SER A 221 -42.02 17.94 19.39
C SER A 221 -42.20 17.02 18.18
N ALA A 222 -41.37 15.97 18.08
CA ALA A 222 -41.48 15.06 16.94
C ALA A 222 -42.41 13.88 17.17
N THR A 223 -43.09 13.48 16.10
CA THR A 223 -44.02 12.36 16.12
C THR A 223 -43.29 11.13 16.63
N SER A 224 -42.36 10.63 15.82
CA SER A 224 -41.58 9.46 16.18
C SER A 224 -40.08 9.76 16.19
N PRO A 225 -39.59 10.35 17.28
CA PRO A 225 -38.17 10.68 17.41
C PRO A 225 -37.34 9.44 17.71
N VAL A 226 -36.08 9.46 17.30
CA VAL A 226 -35.17 8.33 17.51
C VAL A 226 -33.76 8.79 17.84
N LEU A 227 -33.05 8.01 18.65
CA LEU A 227 -31.70 8.35 19.02
C LEU A 227 -30.69 7.31 18.50
N MET A 228 -29.78 7.75 17.63
CA MET A 228 -28.76 6.87 17.09
C MET A 228 -27.42 7.21 17.72
N VAL A 229 -26.79 6.21 18.34
CA VAL A 229 -25.50 6.42 18.96
C VAL A 229 -24.43 5.89 18.02
N CYS A 230 -23.43 6.72 17.73
CA CYS A 230 -22.37 6.29 16.81
C CYS A 230 -20.93 6.42 17.30
N VAL A 231 -20.01 6.33 16.33
CA VAL A 231 -18.57 6.36 16.52
C VAL A 231 -17.95 7.31 17.55
N GLU A 232 -18.29 8.59 17.48
CA GLU A 232 -17.74 9.58 18.41
C GLU A 232 -18.05 9.25 19.87
N VAL A 233 -19.22 8.64 20.12
CA VAL A 233 -19.60 8.29 21.48
C VAL A 233 -18.61 7.31 22.09
N ARG A 234 -18.02 6.46 21.25
CA ARG A 234 -17.05 5.49 21.73
C ARG A 234 -15.67 6.13 21.90
N ARG A 235 -15.17 6.74 20.83
CA ARG A 235 -13.85 7.37 20.84
C ARG A 235 -13.57 8.31 22.03
N TYR A 236 -14.58 9.09 22.40
CA TYR A 236 -14.45 10.03 23.50
C TYR A 236 -15.04 9.45 24.77
N GLY A 237 -15.00 8.12 24.89
CA GLY A 237 -15.53 7.46 26.06
C GLY A 237 -16.69 8.18 26.73
N LEU A 238 -17.78 8.36 26.00
CA LEU A 238 -18.96 9.05 26.54
C LEU A 238 -20.10 8.07 26.79
N GLU A 239 -19.82 6.78 26.75
CA GLU A 239 -20.88 5.80 26.94
C GLU A 239 -21.77 6.07 28.16
N ALA A 240 -21.14 6.30 29.30
CA ALA A 240 -21.86 6.57 30.55
C ALA A 240 -22.91 7.67 30.38
N LYS A 241 -22.43 8.86 30.00
CA LYS A 241 -23.26 10.04 29.79
C LYS A 241 -24.41 9.76 28.84
N VAL A 242 -24.06 9.37 27.62
CA VAL A 242 -25.06 9.05 26.61
C VAL A 242 -26.01 7.99 27.13
N ALA A 243 -25.55 7.19 28.09
CA ALA A 243 -26.38 6.17 28.69
C ALA A 243 -27.39 6.86 29.59
N GLU A 244 -26.92 7.86 30.33
CA GLU A 244 -27.77 8.65 31.23
C GLU A 244 -28.76 9.47 30.43
N LEU A 245 -28.27 10.09 29.36
CA LEU A 245 -29.09 10.91 28.48
C LEU A 245 -30.16 10.06 27.83
N ALA A 246 -29.74 8.92 27.27
CA ALA A 246 -30.65 8.00 26.60
C ALA A 246 -31.93 7.82 27.41
N GLN A 247 -31.75 7.70 28.72
CA GLN A 247 -32.86 7.50 29.66
C GLN A 247 -33.65 8.80 29.88
N ARG A 248 -32.95 9.89 30.16
CA ARG A 248 -33.61 11.18 30.40
C ARG A 248 -34.37 11.68 29.16
N LEU A 249 -33.77 11.52 27.98
CA LEU A 249 -34.38 11.96 26.73
C LEU A 249 -35.62 11.13 26.39
N GLY A 250 -35.71 9.96 27.02
CA GLY A 250 -36.85 9.06 26.82
C GLY A 250 -37.34 8.80 25.42
N VAL A 251 -36.43 8.51 24.50
CA VAL A 251 -36.85 8.23 23.12
C VAL A 251 -36.25 6.90 22.71
N PRO A 252 -36.71 6.34 21.58
CA PRO A 252 -36.21 5.05 21.07
C PRO A 252 -34.71 5.12 20.81
N VAL A 253 -33.99 4.05 21.15
CA VAL A 253 -32.55 4.04 20.93
C VAL A 253 -32.07 3.04 19.89
N VAL A 254 -31.08 3.45 19.13
CA VAL A 254 -30.51 2.61 18.09
C VAL A 254 -29.05 2.97 17.91
N THR A 255 -28.25 1.99 17.51
CA THR A 255 -26.84 2.24 17.28
C THR A 255 -26.59 2.16 15.78
N THR A 256 -25.39 2.56 15.38
CA THR A 256 -25.01 2.50 13.98
C THR A 256 -24.23 1.21 13.88
N PHE A 257 -23.33 1.13 12.91
CA PHE A 257 -22.51 -0.05 12.77
C PHE A 257 -21.30 0.04 13.69
N MET A 258 -20.76 1.25 13.81
CA MET A 258 -19.59 1.50 14.64
C MET A 258 -20.07 1.79 16.05
N GLY A 259 -21.38 2.00 16.17
CA GLY A 259 -21.98 2.25 17.47
C GLY A 259 -22.39 0.93 18.06
N ARG A 260 -22.21 -0.13 17.29
CA ARG A 260 -22.56 -1.49 17.71
C ARG A 260 -21.95 -1.87 19.05
N GLY A 261 -22.80 -2.32 19.97
CA GLY A 261 -22.33 -2.73 21.27
C GLY A 261 -22.31 -1.70 22.39
N LEU A 262 -22.82 -0.50 22.13
CA LEU A 262 -22.83 0.52 23.17
C LEU A 262 -24.16 0.49 23.90
N LEU A 263 -24.15 0.92 25.16
CA LEU A 263 -25.35 0.97 26.02
C LEU A 263 -26.18 -0.30 26.09
N ALA A 264 -25.53 -1.46 26.02
CA ALA A 264 -26.25 -2.73 26.07
C ALA A 264 -26.55 -3.11 27.51
N ASP A 265 -25.92 -2.39 28.44
CA ASP A 265 -26.09 -2.63 29.86
C ASP A 265 -26.83 -1.48 30.52
N ALA A 266 -27.23 -0.51 29.71
CA ALA A 266 -27.95 0.66 30.20
C ALA A 266 -29.42 0.32 30.26
N PRO A 267 -30.17 1.00 31.13
CA PRO A 267 -31.61 0.83 31.35
C PRO A 267 -32.41 0.94 30.05
N THR A 268 -31.87 1.68 29.10
CA THR A 268 -32.52 1.90 27.81
C THR A 268 -31.60 1.46 26.67
N PRO A 269 -31.37 0.15 26.52
CA PRO A 269 -30.51 -0.42 25.48
C PRO A 269 -31.03 -0.25 24.06
N PRO A 270 -30.11 -0.19 23.07
CA PRO A 270 -30.43 -0.02 21.65
C PRO A 270 -31.42 -1.09 21.21
N LEU A 271 -32.26 -0.77 20.23
CA LEU A 271 -33.22 -1.76 19.75
C LEU A 271 -32.59 -2.58 18.66
N GLY A 272 -31.27 -2.46 18.55
CA GLY A 272 -30.54 -3.19 17.53
C GLY A 272 -29.55 -2.28 16.85
N THR A 273 -28.99 -2.74 15.73
CA THR A 273 -28.03 -1.92 15.01
C THR A 273 -28.49 -1.64 13.59
N TYR A 274 -28.55 -0.36 13.23
CA TYR A 274 -28.96 0.02 11.89
C TYR A 274 -27.79 -0.04 10.92
N ILE A 275 -27.98 -0.76 9.82
CA ILE A 275 -26.93 -0.87 8.83
C ILE A 275 -27.53 -0.75 7.44
N GLY A 276 -28.74 -0.23 7.39
CA GLY A 276 -29.40 -0.06 6.10
C GLY A 276 -30.26 -1.25 5.77
N VAL A 277 -30.53 -1.42 4.49
CA VAL A 277 -31.37 -2.53 3.99
C VAL A 277 -30.91 -3.89 4.50
N ALA A 278 -29.60 -4.05 4.67
CA ALA A 278 -29.01 -5.30 5.14
C ALA A 278 -29.72 -5.90 6.35
N GLY A 279 -29.67 -5.19 7.47
CA GLY A 279 -30.27 -5.68 8.69
C GLY A 279 -31.78 -5.77 8.83
N ASP A 280 -32.21 -5.87 10.09
CA ASP A 280 -33.60 -5.99 10.48
C ASP A 280 -34.43 -4.83 9.95
N ALA A 281 -35.42 -5.14 9.11
CA ALA A 281 -36.28 -4.13 8.47
C ALA A 281 -37.20 -3.32 9.38
N GLU A 282 -37.33 -3.72 10.64
CA GLU A 282 -38.18 -2.98 11.58
C GLU A 282 -37.39 -1.80 12.15
N ILE A 283 -36.10 -2.02 12.37
CA ILE A 283 -35.19 -0.99 12.88
C ILE A 283 -34.85 -0.04 11.75
N THR A 284 -34.68 -0.60 10.55
CA THR A 284 -34.37 0.19 9.35
C THR A 284 -35.53 1.13 9.01
N ARG A 285 -36.76 0.65 9.18
CA ARG A 285 -37.94 1.47 8.89
C ARG A 285 -38.03 2.59 9.90
N LEU A 286 -37.87 2.26 11.18
CA LEU A 286 -37.94 3.25 12.24
C LEU A 286 -36.93 4.37 12.01
N VAL A 287 -35.66 3.98 11.87
CA VAL A 287 -34.59 4.94 11.65
C VAL A 287 -34.92 5.87 10.49
N GLU A 288 -35.18 5.26 9.34
CA GLU A 288 -35.47 6.02 8.13
C GLU A 288 -36.79 6.78 8.09
N GLU A 289 -37.75 6.39 8.92
CA GLU A 289 -39.04 7.06 8.95
C GLU A 289 -39.14 8.13 10.03
N SER A 290 -38.18 8.14 10.94
CA SER A 290 -38.16 9.10 12.03
C SER A 290 -38.33 10.51 11.50
N ASP A 291 -39.04 11.34 12.26
CA ASP A 291 -39.31 12.73 11.90
C ASP A 291 -38.58 13.64 12.89
N GLY A 292 -37.65 13.03 13.63
CA GLY A 292 -36.83 13.73 14.60
C GLY A 292 -35.69 12.80 14.92
N LEU A 293 -34.78 12.66 13.96
CA LEU A 293 -33.62 11.78 14.09
C LEU A 293 -32.42 12.48 14.71
N PHE A 294 -31.85 11.88 15.75
CA PHE A 294 -30.71 12.47 16.45
C PHE A 294 -29.44 11.61 16.34
N LEU A 295 -28.64 11.87 15.31
CA LEU A 295 -27.39 11.14 15.10
C LEU A 295 -26.34 11.74 16.00
N LEU A 296 -26.16 11.14 17.17
CA LEU A 296 -25.20 11.65 18.13
C LEU A 296 -23.78 11.15 17.93
N GLY A 297 -22.98 11.93 17.22
CA GLY A 297 -21.59 11.54 16.98
C GLY A 297 -21.49 10.52 15.86
N ALA A 298 -22.43 10.60 14.91
CA ALA A 298 -22.48 9.68 13.79
C ALA A 298 -21.74 10.18 12.57
N ILE A 299 -21.77 9.38 11.51
CA ILE A 299 -21.12 9.74 10.27
C ILE A 299 -22.14 9.64 9.15
N LEU A 300 -22.20 10.65 8.30
CA LEU A 300 -23.13 10.63 7.17
C LEU A 300 -22.36 10.20 5.93
N SER A 301 -22.93 9.26 5.17
CA SER A 301 -22.26 8.79 3.98
C SER A 301 -22.98 7.65 3.29
N ASP A 302 -23.13 7.78 1.98
CA ASP A 302 -23.65 6.68 1.16
C ASP A 302 -22.57 5.63 0.91
N THR A 303 -22.37 4.76 1.89
CA THR A 303 -21.19 3.89 1.91
C THR A 303 -21.49 2.58 2.63
N ASN A 304 -22.55 1.90 2.21
CA ASN A 304 -22.90 0.60 2.77
C ASN A 304 -23.61 0.73 4.13
N PHE A 305 -22.83 0.63 5.20
CA PHE A 305 -23.40 0.56 6.55
C PHE A 305 -23.52 1.96 7.16
N ALA A 306 -22.78 2.91 6.60
CA ALA A 306 -22.81 4.28 7.08
C ALA A 306 -24.19 4.85 6.88
N VAL A 307 -24.66 5.62 7.85
CA VAL A 307 -25.98 6.24 7.79
C VAL A 307 -26.03 7.21 6.61
N SER A 308 -26.65 6.78 5.51
CA SER A 308 -26.76 7.59 4.30
C SER A 308 -27.68 8.81 4.39
N GLN A 309 -27.33 9.83 3.63
CA GLN A 309 -28.14 11.04 3.62
C GLN A 309 -29.37 10.83 2.75
N ARG A 310 -29.29 9.88 1.83
CA ARG A 310 -30.42 9.62 0.94
C ARG A 310 -31.48 8.72 1.58
N LYS A 311 -31.17 8.18 2.75
CA LYS A 311 -32.12 7.30 3.42
C LYS A 311 -32.92 8.01 4.51
N ILE A 312 -32.37 9.08 5.08
CA ILE A 312 -33.03 9.83 6.15
C ILE A 312 -33.65 11.14 5.69
N ASP A 313 -34.39 11.77 6.59
CA ASP A 313 -35.05 13.04 6.31
C ASP A 313 -34.20 14.13 6.97
N LEU A 314 -33.05 14.41 6.36
CA LEU A 314 -32.12 15.41 6.86
C LEU A 314 -32.74 16.70 7.36
N ARG A 315 -33.90 17.05 6.81
CA ARG A 315 -34.60 18.26 7.20
C ARG A 315 -34.96 18.16 8.68
N LYS A 316 -35.22 16.93 9.11
CA LYS A 316 -35.57 16.64 10.50
C LYS A 316 -34.47 15.81 11.15
N THR A 317 -33.22 16.15 10.90
CA THR A 317 -32.13 15.39 11.49
C THR A 317 -31.24 16.28 12.32
N ILE A 318 -30.70 15.72 13.38
CA ILE A 318 -29.78 16.46 14.23
C ILE A 318 -28.51 15.63 14.27
N HIS A 319 -27.61 15.95 13.34
CA HIS A 319 -26.34 15.26 13.19
C HIS A 319 -25.21 15.98 13.93
N ALA A 320 -24.80 15.43 15.07
CA ALA A 320 -23.71 16.02 15.86
C ALA A 320 -22.41 15.31 15.49
N PHE A 321 -21.48 16.04 14.88
CA PHE A 321 -20.23 15.44 14.44
C PHE A 321 -19.10 16.44 14.31
N ASP A 322 -17.88 15.93 14.27
CA ASP A 322 -16.68 16.76 14.15
C ASP A 322 -16.81 18.06 14.92
N ARG A 323 -17.20 17.96 16.19
CA ARG A 323 -17.37 19.13 17.05
C ARG A 323 -18.35 20.16 16.48
N ALA A 324 -19.45 19.68 15.91
CA ALA A 324 -20.44 20.58 15.36
C ALA A 324 -21.82 19.93 15.44
N VAL A 325 -22.84 20.70 15.13
CA VAL A 325 -24.22 20.22 15.16
C VAL A 325 -25.00 20.91 14.05
N THR A 326 -25.67 20.10 13.23
CA THR A 326 -26.48 20.63 12.14
C THR A 326 -27.95 20.32 12.34
N LEU A 327 -28.81 21.00 11.60
CA LEU A 327 -30.23 20.66 11.54
C LEU A 327 -30.99 21.62 10.63
N GLY A 328 -30.97 21.33 9.33
CA GLY A 328 -31.80 22.06 8.38
C GLY A 328 -31.51 23.55 8.38
N TYR A 329 -30.81 24.00 7.35
CA TYR A 329 -30.45 25.42 7.23
C TYR A 329 -29.87 25.96 8.54
N HIS A 330 -29.06 25.15 9.21
CA HIS A 330 -28.45 25.58 10.47
C HIS A 330 -27.35 24.64 10.97
N THR A 331 -26.22 25.23 11.34
CA THR A 331 -25.08 24.49 11.83
C THR A 331 -24.39 25.28 12.93
N TYR A 332 -24.41 24.72 14.13
CA TYR A 332 -23.73 25.35 15.24
C TYR A 332 -22.31 24.84 15.17
N ALA A 333 -21.34 25.73 15.19
CA ALA A 333 -19.96 25.31 15.14
C ALA A 333 -19.38 25.34 16.54
N ASP A 334 -18.24 24.69 16.71
CA ASP A 334 -17.55 24.66 17.99
C ASP A 334 -18.39 24.12 19.14
N ILE A 335 -18.90 22.90 18.99
CA ILE A 335 -19.69 22.27 20.03
C ILE A 335 -19.27 20.80 20.13
N PRO A 336 -18.18 20.54 20.86
CA PRO A 336 -17.70 19.16 21.03
C PRO A 336 -18.85 18.34 21.56
N LEU A 337 -18.98 17.13 21.03
CA LEU A 337 -20.06 16.25 21.44
C LEU A 337 -20.23 16.28 22.96
N ALA A 338 -19.22 15.80 23.68
CA ALA A 338 -19.21 15.74 25.14
C ALA A 338 -20.02 16.83 25.85
N GLY A 339 -19.65 18.08 25.60
CA GLY A 339 -20.36 19.18 26.22
C GLY A 339 -21.83 19.26 25.85
N LEU A 340 -22.16 18.84 24.63
CA LEU A 340 -23.55 18.88 24.20
C LEU A 340 -24.40 17.97 25.06
N VAL A 341 -23.89 16.78 25.34
CA VAL A 341 -24.64 15.86 26.17
C VAL A 341 -24.92 16.63 27.45
N ASP A 342 -23.86 16.92 28.21
CA ASP A 342 -24.00 17.66 29.45
C ASP A 342 -25.09 18.71 29.33
N ALA A 343 -25.05 19.49 28.25
CA ALA A 343 -26.03 20.53 28.03
C ALA A 343 -27.43 19.96 28.20
N LEU A 344 -27.77 19.03 27.32
CA LEU A 344 -29.07 18.36 27.34
C LEU A 344 -29.43 17.73 28.68
N LEU A 345 -28.44 17.13 29.36
CA LEU A 345 -28.67 16.52 30.66
C LEU A 345 -29.13 17.58 31.66
N GLU A 346 -28.61 18.79 31.51
CA GLU A 346 -28.94 19.91 32.37
C GLU A 346 -30.35 20.38 32.06
N ARG A 347 -30.88 19.93 30.93
CA ARG A 347 -32.22 20.34 30.53
C ARG A 347 -33.25 19.23 30.64
N LEU A 348 -32.85 18.10 31.21
CA LEU A 348 -33.75 16.97 31.35
C LEU A 348 -33.79 16.44 32.77
N PRO A 349 -34.99 16.26 33.33
CA PRO A 349 -35.14 15.75 34.69
C PRO A 349 -34.73 14.27 34.77
N PRO A 350 -34.19 13.85 35.92
CA PRO A 350 -33.78 12.45 36.10
C PRO A 350 -34.92 11.48 35.77
N SER A 351 -34.58 10.22 35.56
CA SER A 351 -35.59 9.23 35.22
C SER A 351 -35.20 7.81 35.61
N ASP A 352 -36.20 6.97 35.84
CA ASP A 352 -35.96 5.57 36.19
C ASP A 352 -36.60 4.71 35.09
N ARG A 353 -36.85 5.34 33.95
CA ARG A 353 -37.46 4.69 32.79
C ARG A 353 -36.53 3.66 32.16
N THR A 354 -36.70 2.40 32.58
CA THR A 354 -35.90 1.30 32.07
C THR A 354 -36.76 0.47 31.11
N THR A 355 -36.23 0.13 29.94
CA THR A 355 -37.01 -0.66 28.97
C THR A 355 -36.20 -1.78 28.30
N ARG A 356 -35.57 -2.64 29.11
CA ARG A 356 -34.79 -3.76 28.60
C ARG A 356 -35.73 -4.92 28.34
N GLY A 357 -35.79 -5.38 27.09
CA GLY A 357 -36.65 -6.46 26.72
C GLY A 357 -35.89 -7.76 26.48
N LYS A 358 -36.00 -8.29 25.26
CA LYS A 358 -35.30 -9.50 24.90
C LYS A 358 -34.66 -9.37 23.51
N GLU A 359 -33.45 -9.91 23.37
CA GLU A 359 -32.82 -10.05 22.06
C GLU A 359 -33.35 -9.00 21.08
N PRO A 360 -32.61 -7.90 20.93
CA PRO A 360 -32.70 -7.07 19.73
C PRO A 360 -32.26 -7.82 18.48
N HIS A 361 -31.60 -8.96 18.68
CA HIS A 361 -31.02 -9.70 17.56
C HIS A 361 -30.68 -11.13 17.98
N ALA A 362 -31.28 -12.11 17.31
CA ALA A 362 -31.16 -13.50 17.71
C ALA A 362 -29.85 -14.04 17.13
N TYR A 363 -28.93 -14.46 18.00
CA TYR A 363 -27.66 -15.00 17.54
C TYR A 363 -27.78 -16.46 17.16
N PRO A 364 -27.47 -16.77 15.90
CA PRO A 364 -27.51 -18.12 15.31
C PRO A 364 -26.72 -19.15 16.09
N THR A 365 -27.39 -20.24 16.45
CA THR A 365 -26.76 -21.31 17.23
C THR A 365 -27.10 -22.68 16.67
N GLY A 366 -26.68 -23.71 17.41
CA GLY A 366 -26.96 -25.09 17.04
C GLY A 366 -26.29 -25.64 15.81
N LEU A 367 -24.97 -25.64 15.82
CA LEU A 367 -24.19 -26.17 14.71
C LEU A 367 -24.34 -27.68 14.56
N GLN A 368 -24.99 -28.11 13.49
CA GLN A 368 -25.17 -29.54 13.22
C GLN A 368 -23.85 -30.05 12.66
N ALA A 369 -23.07 -30.71 13.52
CA ALA A 369 -21.77 -31.23 13.11
C ALA A 369 -21.78 -32.43 12.15
N ASP A 370 -22.60 -32.40 11.10
CA ASP A 370 -22.61 -33.52 10.18
C ASP A 370 -21.53 -33.40 9.11
N GLY A 371 -21.59 -34.25 8.10
CA GLY A 371 -20.59 -34.22 7.05
C GLY A 371 -20.86 -33.28 5.90
N GLU A 372 -21.87 -32.43 6.03
CA GLU A 372 -22.20 -31.48 4.96
C GLU A 372 -21.05 -30.50 4.76
N PRO A 373 -20.98 -29.87 3.58
CA PRO A 373 -19.90 -28.90 3.38
C PRO A 373 -20.12 -27.75 4.37
N ILE A 374 -19.20 -26.80 4.41
CA ILE A 374 -19.35 -25.68 5.36
C ILE A 374 -19.98 -24.41 4.76
N ALA A 375 -20.61 -23.61 5.61
CA ALA A 375 -21.24 -22.35 5.19
C ALA A 375 -21.11 -21.27 6.28
N PRO A 376 -20.90 -20.00 5.89
CA PRO A 376 -20.75 -18.89 6.82
C PRO A 376 -21.60 -18.97 8.09
N MET A 377 -22.91 -18.95 7.94
CA MET A 377 -23.78 -19.01 9.11
C MET A 377 -23.41 -20.16 10.03
N ASP A 378 -22.80 -21.20 9.48
CA ASP A 378 -22.40 -22.33 10.31
C ASP A 378 -21.24 -21.90 11.20
N ILE A 379 -20.27 -21.20 10.60
CA ILE A 379 -19.12 -20.71 11.36
C ILE A 379 -19.64 -19.86 12.52
N ALA A 380 -20.65 -19.04 12.27
CA ALA A 380 -21.22 -18.18 13.29
C ALA A 380 -21.75 -19.02 14.45
N ARG A 381 -22.49 -20.07 14.13
CA ARG A 381 -23.05 -20.95 15.15
C ARG A 381 -21.93 -21.59 15.93
N ALA A 382 -21.04 -22.26 15.20
CA ALA A 382 -19.87 -22.90 15.80
C ALA A 382 -19.31 -21.98 16.86
N VAL A 383 -19.11 -20.72 16.47
CA VAL A 383 -18.59 -19.69 17.34
C VAL A 383 -19.52 -19.31 18.49
N ASN A 384 -20.78 -19.01 18.15
CA ASN A 384 -21.74 -18.62 19.15
C ASN A 384 -22.02 -19.69 20.18
N ASP A 385 -22.01 -20.94 19.73
CA ASP A 385 -22.28 -22.06 20.63
C ASP A 385 -21.27 -22.20 21.76
N ARG A 386 -19.98 -22.11 21.41
CA ARG A 386 -18.92 -22.18 22.40
C ARG A 386 -19.22 -21.19 23.50
N VAL A 387 -19.67 -20.00 23.10
CA VAL A 387 -20.02 -18.94 24.02
C VAL A 387 -21.19 -19.37 24.89
N ARG A 388 -22.28 -19.77 24.25
CA ARG A 388 -23.47 -20.22 24.97
C ARG A 388 -23.07 -21.37 25.90
N ALA A 389 -22.14 -22.20 25.43
CA ALA A 389 -21.67 -23.32 26.21
C ALA A 389 -20.96 -22.79 27.45
N GLY A 390 -20.83 -21.47 27.52
CA GLY A 390 -20.18 -20.87 28.67
C GLY A 390 -18.91 -20.09 28.34
N GLN A 391 -18.28 -20.39 27.22
CA GLN A 391 -17.06 -19.70 26.84
C GLN A 391 -17.25 -18.18 26.87
N GLU A 392 -16.17 -17.48 27.16
CA GLU A 392 -16.16 -16.01 27.22
C GLU A 392 -16.05 -15.38 25.82
N PRO A 393 -16.97 -14.48 25.47
CA PRO A 393 -16.92 -13.84 24.15
C PRO A 393 -15.63 -13.04 23.94
N LEU A 394 -14.96 -13.29 22.82
CA LEU A 394 -13.74 -12.56 22.55
C LEU A 394 -14.09 -11.36 21.70
N LEU A 395 -13.11 -10.49 21.51
CA LEU A 395 -13.30 -9.33 20.67
C LEU A 395 -13.00 -9.87 19.29
N ILE A 396 -13.72 -9.38 18.30
CA ILE A 396 -13.50 -9.87 16.95
C ILE A 396 -13.00 -8.78 16.00
N ALA A 397 -12.04 -9.17 15.18
CA ALA A 397 -11.46 -8.29 14.17
C ALA A 397 -11.83 -8.90 12.83
N ALA A 398 -12.42 -8.09 11.95
CA ALA A 398 -12.81 -8.61 10.65
C ALA A 398 -12.27 -7.77 9.51
N ASP A 399 -11.98 -8.43 8.40
CA ASP A 399 -11.47 -7.80 7.18
C ASP A 399 -12.74 -7.55 6.36
N MET A 400 -12.58 -7.23 5.09
CA MET A 400 -13.73 -6.98 4.22
C MET A 400 -14.05 -8.28 3.49
N GLY A 401 -15.31 -8.42 3.13
CA GLY A 401 -15.74 -9.62 2.46
C GLY A 401 -16.87 -10.17 3.29
N ASP A 402 -17.40 -11.34 2.94
CA ASP A 402 -18.52 -11.89 3.68
C ASP A 402 -18.19 -12.18 5.13
N CYS A 403 -16.90 -12.27 5.44
CA CYS A 403 -16.48 -12.55 6.80
C CYS A 403 -17.03 -11.52 7.78
N LEU A 404 -17.16 -10.27 7.31
CA LEU A 404 -17.67 -9.19 8.14
C LEU A 404 -19.15 -9.34 8.41
N PHE A 405 -19.91 -9.58 7.34
CA PHE A 405 -21.36 -9.77 7.45
C PHE A 405 -21.60 -10.95 8.38
N THR A 406 -20.73 -11.94 8.32
CA THR A 406 -20.84 -13.12 9.17
C THR A 406 -20.53 -12.77 10.63
N ALA A 407 -19.49 -11.96 10.83
CA ALA A 407 -19.13 -11.55 12.18
C ALA A 407 -20.31 -10.86 12.82
N MET A 408 -21.13 -10.24 11.98
CA MET A 408 -22.30 -9.52 12.49
C MET A 408 -23.35 -10.37 13.17
N ASP A 409 -23.27 -11.68 13.01
CA ASP A 409 -24.22 -12.57 13.64
C ASP A 409 -23.52 -13.40 14.69
N MET A 410 -22.39 -12.88 15.17
CA MET A 410 -21.62 -13.56 16.19
C MET A 410 -21.62 -12.77 17.46
N ILE A 411 -21.47 -13.48 18.57
CA ILE A 411 -21.44 -12.87 19.87
C ILE A 411 -20.00 -12.45 20.15
N ASP A 412 -19.79 -11.16 20.39
CA ASP A 412 -18.44 -10.67 20.62
C ASP A 412 -18.33 -9.75 21.81
N ALA A 413 -17.10 -9.35 22.09
CA ALA A 413 -16.76 -8.45 23.18
C ALA A 413 -16.02 -7.29 22.54
N GLY A 414 -16.56 -6.85 21.42
CA GLY A 414 -15.95 -5.77 20.66
C GLY A 414 -15.84 -6.29 19.24
N LEU A 415 -16.02 -5.41 18.27
CA LEU A 415 -15.93 -5.77 16.86
C LEU A 415 -15.23 -4.67 16.05
N MET A 416 -14.04 -4.98 15.56
CA MET A 416 -13.27 -4.02 14.77
C MET A 416 -13.32 -4.42 13.31
N ALA A 417 -13.79 -3.51 12.47
CA ALA A 417 -13.90 -3.78 11.04
C ALA A 417 -14.13 -2.51 10.24
N PRO A 418 -13.70 -2.52 8.97
CA PRO A 418 -13.84 -1.38 8.07
C PRO A 418 -15.25 -1.34 7.43
N GLY A 419 -16.26 -1.08 8.26
CA GLY A 419 -17.63 -1.04 7.78
C GLY A 419 -18.02 0.09 6.87
N TYR A 420 -17.20 1.14 6.80
CA TYR A 420 -17.52 2.25 5.92
C TYR A 420 -16.48 2.37 4.82
N TYR A 421 -15.21 2.46 5.22
CA TYR A 421 -14.12 2.56 4.26
C TYR A 421 -14.15 1.36 3.31
N ALA A 422 -14.43 0.17 3.86
CA ALA A 422 -14.51 -1.07 3.11
C ALA A 422 -13.24 -1.41 2.34
N GLY A 423 -12.10 -1.37 3.01
CA GLY A 423 -10.85 -1.67 2.36
C GLY A 423 -10.28 -2.94 2.92
N MET A 424 -9.83 -3.84 2.05
CA MET A 424 -9.28 -5.11 2.49
C MET A 424 -7.88 -5.07 3.10
N GLY A 425 -7.60 -6.04 3.96
CA GLY A 425 -6.30 -6.12 4.60
C GLY A 425 -6.33 -5.90 6.10
N PHE A 426 -7.26 -5.06 6.53
CA PHE A 426 -7.43 -4.70 7.94
C PHE A 426 -7.54 -5.90 8.89
N GLY A 427 -8.28 -6.91 8.48
CA GLY A 427 -8.48 -8.10 9.30
C GLY A 427 -7.32 -8.58 10.14
N VAL A 428 -6.45 -9.38 9.54
CA VAL A 428 -5.32 -9.97 10.24
C VAL A 428 -4.47 -9.01 11.10
N PRO A 429 -3.80 -8.05 10.45
CA PRO A 429 -2.97 -7.10 11.20
C PRO A 429 -3.71 -6.36 12.31
N ALA A 430 -5.01 -6.17 12.13
CA ALA A 430 -5.81 -5.47 13.14
C ALA A 430 -6.03 -6.36 14.36
N GLY A 431 -6.22 -7.65 14.12
CA GLY A 431 -6.41 -8.57 15.23
C GLY A 431 -5.09 -8.66 15.96
N ILE A 432 -4.00 -8.70 15.19
CA ILE A 432 -2.66 -8.73 15.74
C ILE A 432 -2.48 -7.50 16.62
N GLY A 433 -2.54 -6.32 15.99
CA GLY A 433 -2.40 -5.08 16.70
C GLY A 433 -3.23 -5.00 17.97
N ALA A 434 -4.47 -5.45 17.91
CA ALA A 434 -5.33 -5.41 19.09
C ALA A 434 -4.71 -6.21 20.22
N GLN A 435 -4.52 -7.50 19.99
CA GLN A 435 -3.96 -8.40 20.99
C GLN A 435 -2.68 -7.90 21.66
N CYS A 436 -1.92 -7.08 20.96
CA CYS A 436 -0.69 -6.57 21.55
C CYS A 436 -1.01 -5.80 22.83
N VAL A 437 -1.87 -4.79 22.71
CA VAL A 437 -2.26 -3.95 23.84
C VAL A 437 -3.45 -4.47 24.64
N SER A 438 -3.91 -5.68 24.32
CA SER A 438 -5.05 -6.27 25.02
C SER A 438 -4.62 -7.01 26.26
N GLY A 439 -3.40 -6.71 26.72
CA GLY A 439 -2.86 -7.34 27.92
C GLY A 439 -3.36 -8.73 28.29
N GLY A 440 -3.08 -9.71 27.42
CA GLY A 440 -3.47 -11.07 27.71
C GLY A 440 -4.73 -11.60 27.05
N LYS A 441 -5.71 -10.72 26.84
CA LYS A 441 -6.96 -11.14 26.21
C LYS A 441 -6.68 -11.61 24.80
N ARG A 442 -7.36 -12.67 24.37
CA ARG A 442 -7.16 -13.23 23.05
C ARG A 442 -8.11 -12.62 22.03
N ILE A 443 -7.62 -12.34 20.83
CA ILE A 443 -8.45 -11.75 19.81
C ILE A 443 -8.84 -12.76 18.72
N LEU A 444 -10.07 -12.64 18.23
CA LEU A 444 -10.56 -13.50 17.16
C LEU A 444 -10.50 -12.70 15.86
N THR A 445 -10.15 -13.37 14.77
CA THR A 445 -10.03 -12.69 13.49
C THR A 445 -10.70 -13.49 12.39
N VAL A 446 -11.56 -12.83 11.61
CA VAL A 446 -12.21 -13.49 10.50
C VAL A 446 -11.75 -12.82 9.23
N VAL A 447 -11.19 -13.60 8.32
CA VAL A 447 -10.70 -13.06 7.07
C VAL A 447 -11.01 -13.97 5.89
N GLY A 448 -11.33 -13.36 4.75
CA GLY A 448 -11.64 -14.13 3.56
C GLY A 448 -10.35 -14.54 2.90
N ASP A 449 -10.40 -15.47 1.95
CA ASP A 449 -9.17 -15.88 1.30
C ASP A 449 -8.59 -14.70 0.54
N GLY A 450 -9.44 -14.02 -0.21
CA GLY A 450 -8.99 -12.86 -0.96
C GLY A 450 -8.17 -11.89 -0.13
N ALA A 451 -8.67 -11.57 1.07
CA ALA A 451 -8.00 -10.63 1.95
C ALA A 451 -6.74 -11.18 2.58
N PHE A 452 -6.80 -12.41 3.05
CA PHE A 452 -5.64 -13.00 3.71
C PHE A 452 -4.40 -13.00 2.82
N GLN A 453 -4.62 -13.02 1.51
CA GLN A 453 -3.50 -13.02 0.58
C GLN A 453 -2.73 -11.72 0.61
N MET A 454 -3.37 -10.67 1.13
CA MET A 454 -2.78 -9.33 1.21
C MET A 454 -2.06 -9.07 2.53
N THR A 455 -2.74 -9.35 3.63
CA THR A 455 -2.17 -9.10 4.94
C THR A 455 -1.98 -10.36 5.78
N GLY A 456 -2.75 -11.39 5.46
CA GLY A 456 -2.68 -12.64 6.20
C GLY A 456 -1.33 -13.13 6.69
N TRP A 457 -0.28 -12.85 5.94
CA TRP A 457 1.05 -13.32 6.29
C TRP A 457 1.71 -12.62 7.47
N GLU A 458 1.15 -11.50 7.89
CA GLU A 458 1.70 -10.75 9.03
C GLU A 458 1.71 -11.65 10.24
N LEU A 459 0.98 -12.75 10.18
CA LEU A 459 0.93 -13.66 11.32
C LEU A 459 2.28 -14.27 11.60
N GLY A 460 3.23 -14.07 10.71
CA GLY A 460 4.56 -14.62 10.91
C GLY A 460 5.29 -13.90 12.04
N ASN A 461 4.70 -12.79 12.48
CA ASN A 461 5.28 -12.00 13.55
C ASN A 461 4.68 -12.35 14.91
N CYS A 462 3.56 -13.06 14.89
CA CYS A 462 2.90 -13.47 16.13
C CYS A 462 3.87 -13.98 17.18
N ARG A 463 4.72 -14.92 16.79
CA ARG A 463 5.69 -15.51 17.72
C ARG A 463 6.52 -14.45 18.45
N ARG A 464 7.37 -13.74 17.72
CA ARG A 464 8.20 -12.72 18.36
C ARG A 464 7.32 -11.75 19.15
N LEU A 465 6.16 -11.43 18.59
CA LEU A 465 5.19 -10.53 19.21
C LEU A 465 4.50 -11.01 20.51
N GLY A 466 4.70 -12.27 20.88
CA GLY A 466 4.08 -12.77 22.10
C GLY A 466 2.58 -12.94 22.02
N ILE A 467 2.06 -13.10 20.80
CA ILE A 467 0.63 -13.27 20.60
C ILE A 467 0.26 -14.62 19.97
N ASP A 468 -1.00 -15.01 20.18
CA ASP A 468 -1.53 -16.25 19.66
C ASP A 468 -3.00 -16.07 19.26
N PRO A 469 -3.27 -15.11 18.35
CA PRO A 469 -4.62 -14.82 17.88
C PRO A 469 -5.25 -16.01 17.17
N ILE A 470 -6.58 -16.07 17.15
CA ILE A 470 -7.27 -17.16 16.46
C ILE A 470 -7.77 -16.62 15.14
N VAL A 471 -7.58 -17.39 14.07
CA VAL A 471 -8.02 -16.94 12.76
C VAL A 471 -8.88 -17.97 12.04
N ILE A 472 -10.00 -17.51 11.53
CA ILE A 472 -10.91 -18.36 10.77
C ILE A 472 -10.90 -17.79 9.36
N LEU A 473 -10.18 -18.47 8.47
CA LEU A 473 -10.07 -18.00 7.11
C LEU A 473 -11.19 -18.58 6.25
N PHE A 474 -11.98 -17.71 5.62
CA PHE A 474 -13.09 -18.13 4.76
C PHE A 474 -12.59 -18.36 3.35
N ASN A 475 -12.16 -19.59 3.06
CA ASN A 475 -11.63 -19.90 1.72
C ASN A 475 -12.69 -20.42 0.76
N ASN A 476 -13.30 -19.51 0.03
CA ASN A 476 -14.30 -19.88 -0.95
C ASN A 476 -13.64 -19.88 -2.33
N ALA A 477 -12.34 -19.61 -2.32
CA ALA A 477 -11.55 -19.60 -3.56
C ALA A 477 -12.09 -18.59 -4.57
N SER A 478 -12.42 -17.40 -4.09
CA SER A 478 -12.93 -16.37 -4.96
C SER A 478 -13.19 -15.08 -4.21
N TRP A 479 -13.41 -14.02 -4.97
CA TRP A 479 -13.73 -12.72 -4.41
C TRP A 479 -15.25 -12.68 -4.40
N GLU A 480 -15.83 -13.62 -3.66
CA GLU A 480 -17.28 -13.77 -3.56
C GLU A 480 -18.11 -12.50 -3.43
N MET A 481 -17.73 -11.59 -2.53
CA MET A 481 -18.48 -10.35 -2.36
C MET A 481 -18.72 -9.63 -3.69
N LEU A 482 -17.77 -9.76 -4.61
CA LEU A 482 -17.92 -9.11 -5.90
C LEU A 482 -18.72 -9.98 -6.85
N ARG A 483 -18.50 -11.29 -6.78
CA ARG A 483 -19.23 -12.21 -7.64
C ARG A 483 -20.72 -11.96 -7.46
N THR A 484 -21.11 -11.58 -6.25
CA THR A 484 -22.51 -11.31 -5.96
C THR A 484 -22.95 -10.00 -6.63
N PHE A 485 -22.09 -9.43 -7.47
CA PHE A 485 -22.39 -8.18 -8.17
C PHE A 485 -22.11 -8.35 -9.66
N GLN A 486 -21.41 -9.42 -9.99
CA GLN A 486 -21.08 -9.71 -11.37
C GLN A 486 -20.74 -11.19 -11.45
N PRO A 487 -21.73 -12.02 -11.10
CA PRO A 487 -21.55 -13.47 -11.14
C PRO A 487 -21.14 -13.95 -12.51
N GLU A 488 -21.36 -13.13 -13.54
CA GLU A 488 -21.00 -13.51 -14.91
C GLU A 488 -19.51 -13.45 -15.18
N SER A 489 -18.83 -12.44 -14.64
CA SER A 489 -17.39 -12.33 -14.85
C SER A 489 -16.62 -13.51 -14.25
N ALA A 490 -15.52 -13.88 -14.89
CA ALA A 490 -14.74 -15.01 -14.41
C ALA A 490 -13.47 -14.66 -13.64
N PHE A 491 -13.10 -13.39 -13.62
CA PHE A 491 -11.90 -12.99 -12.91
C PHE A 491 -12.06 -13.12 -11.39
N ASN A 492 -13.32 -13.18 -10.92
CA ASN A 492 -13.56 -13.33 -9.49
C ASN A 492 -13.21 -14.75 -9.06
N ASP A 493 -12.65 -15.53 -9.98
CA ASP A 493 -12.26 -16.91 -9.70
C ASP A 493 -10.80 -16.97 -9.22
N LEU A 494 -10.61 -17.36 -7.96
CA LEU A 494 -9.28 -17.49 -7.39
C LEU A 494 -8.84 -18.95 -7.33
N ASP A 495 -7.53 -19.17 -7.28
CA ASP A 495 -7.02 -20.54 -7.21
C ASP A 495 -7.10 -21.08 -5.77
N ASP A 496 -6.66 -22.31 -5.61
CA ASP A 496 -6.68 -22.96 -4.32
C ASP A 496 -5.37 -22.67 -3.60
N TRP A 497 -5.46 -21.89 -2.53
CA TRP A 497 -4.28 -21.57 -1.73
C TRP A 497 -4.38 -22.40 -0.45
N ARG A 498 -3.51 -23.38 -0.29
CA ARG A 498 -3.52 -24.21 0.92
C ARG A 498 -2.96 -23.45 2.12
N PHE A 499 -3.69 -22.42 2.56
CA PHE A 499 -3.29 -21.59 3.68
C PHE A 499 -2.91 -22.37 4.93
N ALA A 500 -3.69 -23.39 5.22
CA ALA A 500 -3.43 -24.21 6.40
C ALA A 500 -2.01 -24.79 6.34
N ASP A 501 -1.63 -25.26 5.15
CA ASP A 501 -0.30 -25.85 4.95
C ASP A 501 0.83 -24.84 5.14
N MET A 502 0.46 -23.57 5.11
CA MET A 502 1.45 -22.51 5.28
C MET A 502 1.55 -21.98 6.70
N ALA A 503 0.50 -22.18 7.49
CA ALA A 503 0.50 -21.72 8.88
C ALA A 503 1.78 -22.18 9.56
N ALA A 504 2.16 -23.43 9.35
CA ALA A 504 3.37 -23.97 9.92
C ALA A 504 4.53 -22.99 9.75
N GLY A 505 4.85 -22.69 8.51
CA GLY A 505 5.95 -21.77 8.23
C GLY A 505 5.95 -20.42 8.91
N MET A 506 4.85 -20.07 9.58
CA MET A 506 4.78 -18.79 10.28
C MET A 506 4.76 -18.96 11.79
N GLY A 507 5.13 -20.14 12.27
CA GLY A 507 5.17 -20.39 13.70
C GLY A 507 3.80 -20.51 14.32
N GLY A 508 2.84 -20.99 13.52
CA GLY A 508 1.49 -21.17 14.03
C GLY A 508 0.94 -22.51 13.60
N ASP A 509 -0.23 -22.86 14.12
CA ASP A 509 -0.88 -24.12 13.78
C ASP A 509 -2.04 -23.81 12.83
N GLY A 510 -2.06 -24.45 11.66
CA GLY A 510 -3.13 -24.19 10.71
C GLY A 510 -3.79 -25.44 10.15
N VAL A 511 -5.08 -25.58 10.39
CA VAL A 511 -5.81 -26.74 9.89
C VAL A 511 -6.91 -26.37 8.90
N ARG A 512 -7.09 -27.22 7.90
CA ARG A 512 -8.12 -27.03 6.89
C ARG A 512 -9.31 -27.96 7.15
N VAL A 513 -10.52 -27.41 7.14
CA VAL A 513 -11.71 -28.20 7.37
C VAL A 513 -12.74 -28.01 6.26
N ARG A 514 -13.43 -29.09 5.89
CA ARG A 514 -14.45 -29.03 4.85
C ARG A 514 -15.87 -29.25 5.35
N THR A 515 -16.06 -30.16 6.28
CA THR A 515 -17.41 -30.41 6.81
C THR A 515 -17.64 -29.61 8.07
N ARG A 516 -18.87 -29.65 8.56
CA ARG A 516 -19.26 -28.92 9.77
C ARG A 516 -18.79 -29.65 11.00
N ALA A 517 -18.61 -30.97 10.86
CA ALA A 517 -18.14 -31.78 11.96
C ALA A 517 -16.72 -31.33 12.26
N GLU A 518 -15.90 -31.33 11.21
CA GLU A 518 -14.49 -30.94 11.32
C GLU A 518 -14.38 -29.52 11.81
N LEU A 519 -15.31 -28.68 11.38
CA LEU A 519 -15.34 -27.29 11.78
C LEU A 519 -15.47 -27.18 13.29
N LYS A 520 -16.45 -27.87 13.86
CA LYS A 520 -16.69 -27.85 15.31
C LYS A 520 -15.48 -28.33 16.11
N ALA A 521 -14.92 -29.46 15.71
CA ALA A 521 -13.77 -30.04 16.39
C ALA A 521 -12.55 -29.15 16.34
N ALA A 522 -12.22 -28.64 15.16
CA ALA A 522 -11.05 -27.79 15.00
C ALA A 522 -11.13 -26.50 15.83
N LEU A 523 -12.28 -25.83 15.79
CA LEU A 523 -12.47 -24.60 16.53
C LEU A 523 -12.23 -24.87 18.01
N ASP A 524 -12.67 -26.03 18.48
CA ASP A 524 -12.49 -26.40 19.88
C ASP A 524 -11.00 -26.51 20.22
N LYS A 525 -10.24 -27.17 19.34
CA LYS A 525 -8.82 -27.36 19.58
C LYS A 525 -8.13 -26.01 19.69
N ALA A 526 -8.44 -25.10 18.77
CA ALA A 526 -7.84 -23.78 18.76
C ALA A 526 -7.89 -23.20 20.18
N PHE A 527 -9.10 -22.98 20.68
CA PHE A 527 -9.29 -22.43 22.02
C PHE A 527 -8.50 -23.14 23.12
N ALA A 528 -8.26 -24.45 22.96
CA ALA A 528 -7.50 -25.21 23.95
C ALA A 528 -6.02 -25.03 23.74
N THR A 529 -5.66 -24.56 22.54
CA THR A 529 -4.28 -24.33 22.19
C THR A 529 -3.89 -22.85 22.22
N ARG A 530 -3.12 -22.44 23.22
CA ARG A 530 -2.64 -21.07 23.26
C ARG A 530 -1.13 -21.18 23.15
N GLY A 531 -0.46 -20.10 22.75
CA GLY A 531 0.98 -20.15 22.62
C GLY A 531 1.41 -19.89 21.19
N ARG A 532 0.56 -20.32 20.26
CA ARG A 532 0.80 -20.11 18.84
C ARG A 532 -0.54 -19.62 18.31
N PHE A 533 -0.50 -18.80 17.25
CA PHE A 533 -1.73 -18.31 16.65
C PHE A 533 -2.40 -19.54 16.02
N GLN A 534 -3.73 -19.58 16.01
CA GLN A 534 -4.42 -20.72 15.42
C GLN A 534 -5.12 -20.32 14.13
N LEU A 535 -4.81 -21.03 13.04
CA LEU A 535 -5.43 -20.74 11.77
C LEU A 535 -6.35 -21.87 11.36
N ILE A 536 -7.59 -21.51 11.07
CA ILE A 536 -8.59 -22.47 10.66
C ILE A 536 -9.05 -22.11 9.25
N GLU A 537 -8.53 -22.87 8.28
CA GLU A 537 -8.88 -22.66 6.89
C GLU A 537 -10.16 -23.44 6.62
N ALA A 538 -11.28 -22.74 6.62
CA ALA A 538 -12.57 -23.36 6.37
C ALA A 538 -12.88 -23.21 4.89
N MET A 539 -13.05 -24.33 4.20
CA MET A 539 -13.35 -24.29 2.78
C MET A 539 -14.84 -24.06 2.61
N ILE A 540 -15.20 -23.01 1.88
CA ILE A 540 -16.61 -22.70 1.66
C ILE A 540 -16.93 -22.67 0.18
N PRO A 541 -18.10 -23.22 -0.22
CA PRO A 541 -18.52 -23.25 -1.62
C PRO A 541 -18.82 -21.86 -2.17
N ARG A 542 -18.59 -21.67 -3.46
CA ARG A 542 -18.89 -20.38 -4.08
C ARG A 542 -20.40 -20.31 -4.27
N GLY A 543 -21.03 -19.28 -3.71
CA GLY A 543 -22.47 -19.14 -3.85
C GLY A 543 -23.18 -19.23 -2.51
N VAL A 544 -22.43 -19.58 -1.48
CA VAL A 544 -22.96 -19.69 -0.14
C VAL A 544 -22.61 -18.38 0.56
N LEU A 545 -23.63 -17.67 1.03
CA LEU A 545 -23.38 -16.39 1.68
C LEU A 545 -23.97 -16.32 3.08
N SER A 546 -23.51 -15.33 3.84
CA SER A 546 -24.01 -15.13 5.19
C SER A 546 -25.43 -14.64 5.03
N ASP A 547 -26.24 -14.83 6.05
CA ASP A 547 -27.63 -14.36 6.01
C ASP A 547 -27.63 -12.85 5.76
N THR A 548 -26.94 -12.12 6.62
CA THR A 548 -26.89 -10.68 6.46
C THR A 548 -26.59 -10.34 5.00
N LEU A 549 -25.47 -10.83 4.48
CA LEU A 549 -25.09 -10.53 3.10
C LEU A 549 -26.15 -10.96 2.12
N ALA A 550 -26.81 -12.07 2.39
CA ALA A 550 -27.86 -12.51 1.50
C ALA A 550 -28.83 -11.34 1.39
N ARG A 551 -29.38 -10.93 2.52
CA ARG A 551 -30.35 -9.83 2.57
C ARG A 551 -29.83 -8.60 1.81
N PHE A 552 -28.53 -8.30 1.97
CA PHE A 552 -27.93 -7.16 1.31
C PHE A 552 -28.09 -7.22 -0.20
N VAL A 553 -27.63 -8.31 -0.80
CA VAL A 553 -27.71 -8.47 -2.25
C VAL A 553 -29.16 -8.37 -2.75
N GLN A 554 -30.05 -9.12 -2.10
CA GLN A 554 -31.47 -9.15 -2.45
C GLN A 554 -32.09 -7.75 -2.40
N GLY A 555 -31.55 -6.90 -1.53
CA GLY A 555 -32.08 -5.56 -1.40
C GLY A 555 -31.64 -4.63 -2.52
N GLN A 556 -30.64 -5.06 -3.29
CA GLN A 556 -30.12 -4.27 -4.39
C GLN A 556 -30.86 -4.64 -5.68
N LYS A 557 -31.49 -5.82 -5.67
CA LYS A 557 -32.24 -6.31 -6.81
C LYS A 557 -33.51 -5.48 -6.91
N ARG A 558 -34.17 -5.28 -5.77
CA ARG A 558 -35.40 -4.50 -5.70
C ARG A 558 -35.24 -3.12 -6.36
N MET B 21 -18.75 2.81 -30.56
CA MET B 21 -17.79 2.13 -29.62
C MET B 21 -17.96 2.53 -28.16
N LYS B 22 -18.00 1.53 -27.27
CA LYS B 22 -18.13 1.80 -25.82
C LYS B 22 -16.92 2.59 -25.35
N LEU B 23 -17.12 3.46 -24.36
CA LEU B 23 -16.03 4.28 -23.83
C LEU B 23 -14.85 3.44 -23.31
N ALA B 24 -15.14 2.52 -22.38
CA ALA B 24 -14.11 1.67 -21.83
C ALA B 24 -13.32 0.95 -22.92
N GLU B 25 -14.02 0.53 -23.97
CA GLU B 25 -13.37 -0.17 -25.08
C GLU B 25 -12.45 0.80 -25.83
N ALA B 26 -13.04 1.90 -26.27
CA ALA B 26 -12.33 2.93 -27.00
C ALA B 26 -10.98 3.17 -26.35
N LEU B 27 -10.96 3.03 -25.01
CA LEU B 27 -9.74 3.24 -24.27
C LEU B 27 -8.77 2.08 -24.46
N LEU B 28 -9.19 0.88 -24.06
CA LEU B 28 -8.33 -0.29 -24.19
C LEU B 28 -7.76 -0.40 -25.59
N ARG B 29 -8.59 -0.15 -26.61
CA ARG B 29 -8.06 -0.22 -27.96
C ARG B 29 -6.92 0.77 -28.05
N ALA B 30 -7.14 1.99 -27.55
CA ALA B 30 -6.13 3.04 -27.56
C ALA B 30 -4.83 2.51 -26.97
N LEU B 31 -4.92 1.98 -25.76
CA LEU B 31 -3.76 1.42 -25.09
C LEU B 31 -3.09 0.42 -26.01
N LYS B 32 -3.90 -0.43 -26.64
CA LYS B 32 -3.36 -1.42 -27.55
C LYS B 32 -2.67 -0.70 -28.68
N ASP B 33 -3.38 0.25 -29.30
CA ASP B 33 -2.83 1.00 -30.42
C ASP B 33 -1.48 1.65 -30.09
N ARG B 34 -1.17 1.72 -28.79
CA ARG B 34 0.08 2.31 -28.34
C ARG B 34 1.13 1.31 -27.85
N GLY B 35 0.90 0.03 -28.11
CA GLY B 35 1.86 -0.98 -27.70
C GLY B 35 1.59 -1.62 -26.35
N ALA B 36 0.36 -1.46 -25.86
CA ALA B 36 0.00 -2.07 -24.59
C ALA B 36 0.07 -3.58 -24.78
N GLN B 37 0.30 -4.32 -23.70
CA GLN B 37 0.38 -5.76 -23.79
C GLN B 37 -0.47 -6.52 -22.79
N ALA B 38 -0.94 -5.84 -21.76
CA ALA B 38 -1.75 -6.47 -20.75
C ALA B 38 -2.40 -5.43 -19.90
N MET B 39 -3.12 -5.86 -18.88
CA MET B 39 -3.77 -4.94 -17.97
C MET B 39 -3.90 -5.58 -16.62
N PHE B 40 -2.93 -5.29 -15.76
CA PHE B 40 -2.93 -5.82 -14.41
C PHE B 40 -3.94 -5.08 -13.54
N GLY B 41 -4.52 -5.77 -12.56
CA GLY B 41 -5.47 -5.09 -11.71
C GLY B 41 -6.31 -5.92 -10.77
N ILE B 42 -6.98 -5.23 -9.85
CA ILE B 42 -7.87 -5.85 -8.87
C ILE B 42 -9.16 -5.06 -8.89
N PRO B 43 -10.29 -5.75 -9.09
CA PRO B 43 -11.58 -5.06 -9.14
C PRO B 43 -12.23 -4.73 -7.79
N GLY B 44 -13.29 -3.93 -7.87
CA GLY B 44 -14.03 -3.55 -6.70
C GLY B 44 -15.36 -3.02 -7.19
N ASP B 45 -16.30 -2.78 -6.27
CA ASP B 45 -17.62 -2.27 -6.61
C ASP B 45 -17.60 -1.50 -7.91
N PHE B 46 -17.14 -0.25 -7.81
CA PHE B 46 -17.07 0.68 -8.93
C PHE B 46 -16.19 0.28 -10.11
N ALA B 47 -15.34 -0.73 -9.95
CA ALA B 47 -14.48 -1.07 -11.06
C ALA B 47 -14.89 -2.31 -11.85
N LEU B 48 -15.92 -3.02 -11.37
CA LEU B 48 -16.39 -4.25 -12.01
C LEU B 48 -16.85 -4.12 -13.45
N PRO B 49 -17.65 -3.07 -13.74
CA PRO B 49 -18.17 -2.80 -15.08
C PRO B 49 -17.04 -2.62 -16.10
N PHE B 50 -15.94 -2.01 -15.65
CA PHE B 50 -14.79 -1.79 -16.51
C PHE B 50 -13.95 -3.04 -16.68
N PHE B 51 -13.93 -3.91 -15.68
CA PHE B 51 -13.18 -5.14 -15.77
C PHE B 51 -13.97 -6.05 -16.70
N LYS B 52 -15.29 -5.87 -16.66
CA LYS B 52 -16.21 -6.66 -17.48
C LYS B 52 -15.95 -6.40 -18.96
N VAL B 53 -15.79 -5.14 -19.34
CA VAL B 53 -15.53 -4.80 -20.72
C VAL B 53 -14.10 -5.15 -21.05
N ALA B 54 -13.28 -5.28 -20.01
CA ALA B 54 -11.88 -5.62 -20.20
C ALA B 54 -11.80 -7.09 -20.50
N GLU B 55 -12.63 -7.85 -19.79
CA GLU B 55 -12.70 -9.29 -19.93
C GLU B 55 -13.43 -9.69 -21.21
N GLU B 56 -14.69 -9.26 -21.32
CA GLU B 56 -15.54 -9.58 -22.47
C GLU B 56 -14.93 -9.21 -23.83
N THR B 57 -14.30 -8.05 -23.92
CA THR B 57 -13.69 -7.62 -25.17
C THR B 57 -12.45 -8.42 -25.48
N GLN B 58 -11.73 -8.80 -24.44
CA GLN B 58 -10.51 -9.59 -24.61
C GLN B 58 -9.40 -8.79 -25.31
N ILE B 59 -9.60 -7.48 -25.44
CA ILE B 59 -8.62 -6.61 -26.11
C ILE B 59 -7.22 -6.84 -25.53
N LEU B 60 -7.09 -6.62 -24.23
CA LEU B 60 -5.82 -6.77 -23.51
C LEU B 60 -5.92 -7.92 -22.51
N PRO B 61 -4.89 -8.77 -22.43
CA PRO B 61 -4.88 -9.91 -21.50
C PRO B 61 -5.12 -9.39 -20.09
N LEU B 62 -6.05 -9.99 -19.37
CA LEU B 62 -6.32 -9.51 -18.02
C LEU B 62 -5.70 -10.37 -16.92
N HIS B 63 -4.57 -9.92 -16.38
CA HIS B 63 -3.91 -10.64 -15.32
C HIS B 63 -4.29 -9.96 -13.98
N THR B 64 -4.73 -10.74 -13.00
CA THR B 64 -5.13 -10.20 -11.70
C THR B 64 -4.20 -10.66 -10.59
N LEU B 65 -3.82 -9.75 -9.71
CA LEU B 65 -2.92 -10.09 -8.60
C LEU B 65 -3.61 -10.08 -7.23
N SER B 66 -2.91 -10.51 -6.19
CA SER B 66 -3.48 -10.60 -4.85
C SER B 66 -3.59 -9.30 -4.07
N HIS B 67 -2.58 -8.44 -4.21
CA HIS B 67 -2.55 -7.18 -3.51
C HIS B 67 -2.24 -6.05 -4.51
N GLU B 68 -2.88 -4.90 -4.32
CA GLU B 68 -2.68 -3.75 -5.21
C GLU B 68 -1.23 -3.36 -5.44
N PRO B 69 -0.39 -3.45 -4.41
CA PRO B 69 1.02 -3.09 -4.60
C PRO B 69 1.69 -3.86 -5.71
N ALA B 70 1.36 -5.13 -5.84
CA ALA B 70 1.95 -5.94 -6.90
C ALA B 70 1.33 -5.55 -8.22
N VAL B 71 0.07 -5.13 -8.16
CA VAL B 71 -0.66 -4.71 -9.35
C VAL B 71 0.12 -3.60 -10.04
N GLY B 72 0.52 -2.59 -9.27
CA GLY B 72 1.29 -1.48 -9.82
C GLY B 72 2.73 -1.86 -10.18
N PHE B 73 3.36 -2.66 -9.33
CA PHE B 73 4.73 -3.10 -9.56
C PHE B 73 4.86 -3.95 -10.81
N ALA B 74 3.85 -4.77 -11.10
CA ALA B 74 3.90 -5.59 -12.29
C ALA B 74 3.70 -4.70 -13.52
N ALA B 75 2.75 -3.78 -13.41
CA ALA B 75 2.48 -2.86 -14.51
C ALA B 75 3.76 -2.12 -14.84
N ASP B 76 4.44 -1.71 -13.78
CA ASP B 76 5.68 -0.99 -13.87
C ASP B 76 6.63 -1.72 -14.82
N ALA B 77 6.88 -3.00 -14.48
CA ALA B 77 7.78 -3.85 -15.22
C ALA B 77 7.31 -4.21 -16.63
N ALA B 78 6.03 -4.52 -16.76
CA ALA B 78 5.47 -4.87 -18.06
C ALA B 78 5.70 -3.69 -18.97
N ALA B 79 5.88 -2.53 -18.34
CA ALA B 79 6.11 -1.27 -19.05
C ALA B 79 7.59 -1.10 -19.36
N ARG B 80 8.43 -1.31 -18.35
CA ARG B 80 9.86 -1.17 -18.55
C ARG B 80 10.36 -2.25 -19.49
N TYR B 81 9.87 -3.47 -19.30
CA TYR B 81 10.30 -4.59 -20.13
C TYR B 81 10.28 -4.21 -21.61
N SER B 82 9.07 -4.04 -22.14
CA SER B 82 8.89 -3.70 -23.54
C SER B 82 9.09 -2.21 -23.82
N SER B 83 9.35 -1.45 -22.76
CA SER B 83 9.53 -0.01 -22.92
C SER B 83 8.30 0.52 -23.64
N THR B 84 7.17 0.42 -22.96
CA THR B 84 5.89 0.87 -23.48
C THR B 84 5.01 1.19 -22.28
N LEU B 85 3.71 1.38 -22.51
CA LEU B 85 2.82 1.69 -21.42
C LEU B 85 2.41 0.48 -20.59
N GLY B 86 2.58 0.59 -19.27
CA GLY B 86 2.18 -0.48 -18.36
C GLY B 86 0.73 -0.19 -18.08
N VAL B 87 0.02 -1.10 -17.42
CA VAL B 87 -1.40 -0.86 -17.16
C VAL B 87 -1.88 -1.37 -15.79
N ALA B 88 -2.13 -0.45 -14.86
CA ALA B 88 -2.60 -0.83 -13.53
C ALA B 88 -4.05 -0.43 -13.33
N ALA B 89 -4.93 -1.42 -13.23
CA ALA B 89 -6.35 -1.16 -13.06
C ALA B 89 -6.82 -1.45 -11.65
N VAL B 90 -7.34 -0.43 -10.97
CA VAL B 90 -7.80 -0.57 -9.60
C VAL B 90 -9.20 0.00 -9.39
N THR B 91 -9.80 -0.31 -8.24
CA THR B 91 -11.14 0.18 -7.88
C THR B 91 -11.04 1.44 -7.00
N TYR B 92 -12.13 2.19 -6.89
CA TYR B 92 -12.12 3.41 -6.09
C TYR B 92 -11.87 3.15 -4.62
N GLY B 93 -11.25 4.12 -3.97
CA GLY B 93 -10.98 4.00 -2.55
C GLY B 93 -9.69 3.30 -2.21
N ALA B 94 -9.77 2.41 -1.22
CA ALA B 94 -8.62 1.65 -0.74
C ALA B 94 -7.80 1.07 -1.89
N GLY B 95 -8.48 0.56 -2.91
CA GLY B 95 -7.77 0.00 -4.04
C GLY B 95 -6.71 0.93 -4.59
N ALA B 96 -7.12 2.15 -4.94
CA ALA B 96 -6.20 3.12 -5.50
C ALA B 96 -5.10 3.48 -4.51
N PHE B 97 -5.51 3.96 -3.34
CA PHE B 97 -4.55 4.34 -2.30
C PHE B 97 -3.59 3.22 -1.93
N ASN B 98 -4.07 1.99 -1.96
CA ASN B 98 -3.23 0.87 -1.60
C ASN B 98 -2.19 0.60 -2.68
N MET B 99 -2.23 1.37 -3.76
CA MET B 99 -1.27 1.20 -4.86
C MET B 99 -0.45 2.46 -5.10
N VAL B 100 -0.76 3.52 -4.36
CA VAL B 100 -0.06 4.78 -4.50
C VAL B 100 1.46 4.61 -4.56
N ASN B 101 2.00 3.87 -3.61
CA ASN B 101 3.44 3.66 -3.55
C ASN B 101 4.06 3.05 -4.80
N ALA B 102 3.38 2.09 -5.43
CA ALA B 102 3.93 1.47 -6.63
C ALA B 102 4.03 2.49 -7.77
N VAL B 103 3.01 3.33 -7.90
CA VAL B 103 3.00 4.37 -8.93
C VAL B 103 4.12 5.38 -8.68
N ALA B 104 4.35 5.72 -7.41
CA ALA B 104 5.41 6.67 -7.05
C ALA B 104 6.78 6.23 -7.57
N GLY B 105 7.11 4.96 -7.36
CA GLY B 105 8.38 4.46 -7.83
C GLY B 105 8.42 4.41 -9.35
N ALA B 106 7.26 4.15 -9.94
CA ALA B 106 7.18 4.10 -11.39
C ALA B 106 7.47 5.51 -11.90
N TYR B 107 6.84 6.48 -11.25
CA TYR B 107 7.04 7.88 -11.64
C TYR B 107 8.49 8.22 -11.41
N ALA B 108 8.94 7.95 -10.19
CA ALA B 108 10.30 8.22 -9.81
C ALA B 108 11.30 7.68 -10.81
N GLU B 109 10.91 6.67 -11.57
CA GLU B 109 11.83 6.06 -12.52
C GLU B 109 11.42 6.05 -14.01
N LYS B 110 10.68 7.07 -14.41
CA LYS B 110 10.25 7.21 -15.80
C LYS B 110 9.57 5.98 -16.38
N SER B 111 8.79 5.29 -15.56
CA SER B 111 8.06 4.11 -16.00
C SER B 111 6.61 4.54 -16.20
N PRO B 112 6.22 4.77 -17.47
CA PRO B 112 4.89 5.20 -17.92
C PRO B 112 3.74 4.26 -17.60
N VAL B 113 3.38 4.14 -16.33
CA VAL B 113 2.28 3.28 -15.93
C VAL B 113 0.95 4.01 -16.05
N VAL B 114 0.07 3.51 -16.91
CA VAL B 114 -1.23 4.14 -17.08
C VAL B 114 -2.17 3.59 -16.01
N VAL B 115 -2.42 4.39 -14.98
CA VAL B 115 -3.30 3.98 -13.91
C VAL B 115 -4.77 4.22 -14.26
N ILE B 116 -5.62 3.23 -14.03
CA ILE B 116 -7.04 3.35 -14.31
C ILE B 116 -7.82 3.00 -13.05
N SER B 117 -8.65 3.92 -12.58
CA SER B 117 -9.41 3.69 -11.35
C SER B 117 -10.89 3.99 -11.49
N GLY B 118 -11.69 2.93 -11.52
CA GLY B 118 -13.12 3.08 -11.64
C GLY B 118 -13.63 3.97 -10.52
N ALA B 119 -14.53 4.89 -10.85
CA ALA B 119 -15.06 5.79 -9.85
C ALA B 119 -16.58 5.74 -9.78
N PRO B 120 -17.16 6.34 -8.73
CA PRO B 120 -18.62 6.32 -8.61
C PRO B 120 -19.26 6.97 -9.84
N GLY B 121 -20.50 6.59 -10.13
CA GLY B 121 -21.20 7.18 -11.26
C GLY B 121 -21.33 8.69 -11.06
N THR B 122 -21.68 9.41 -12.11
CA THR B 122 -21.82 10.86 -12.02
C THR B 122 -23.10 11.28 -11.31
N THR B 123 -23.87 10.31 -10.80
CA THR B 123 -25.13 10.58 -10.13
C THR B 123 -25.25 9.95 -8.73
N GLU B 124 -24.11 9.74 -8.08
CA GLU B 124 -24.05 9.13 -6.75
C GLU B 124 -23.31 10.07 -5.78
N GLY B 125 -22.96 11.24 -6.31
CA GLY B 125 -22.27 12.33 -5.63
C GLY B 125 -21.56 12.44 -4.28
N ASN B 126 -21.60 11.45 -3.38
CA ASN B 126 -20.91 11.66 -2.11
C ASN B 126 -19.77 10.72 -1.68
N ALA B 127 -18.65 11.36 -1.33
CA ALA B 127 -17.41 10.70 -0.90
C ALA B 127 -17.44 10.19 0.53
N GLY B 128 -16.25 9.99 1.09
CA GLY B 128 -16.13 9.49 2.46
C GLY B 128 -14.98 10.11 3.25
N LEU B 129 -14.26 11.02 2.62
CA LEU B 129 -13.14 11.72 3.27
C LEU B 129 -13.36 13.23 3.11
N LEU B 130 -12.89 13.99 4.09
CA LEU B 130 -13.03 15.44 4.07
C LEU B 130 -11.70 16.12 3.73
N ASP B 139 -11.10 16.68 -5.72
CA ASP B 139 -11.53 15.67 -4.77
C ASP B 139 -10.40 15.31 -3.81
N THR B 140 -10.18 14.01 -3.58
CA THR B 140 -9.13 13.54 -2.68
C THR B 140 -8.25 12.52 -3.36
N GLN B 141 -8.83 11.40 -3.76
CA GLN B 141 -8.08 10.38 -4.45
C GLN B 141 -7.44 11.08 -5.63
N PHE B 142 -8.20 11.97 -6.26
CA PHE B 142 -7.70 12.69 -7.41
C PHE B 142 -6.49 13.57 -7.10
N GLN B 143 -6.53 14.26 -5.97
CA GLN B 143 -5.45 15.14 -5.58
C GLN B 143 -4.19 14.38 -5.22
N VAL B 144 -4.37 13.17 -4.72
CA VAL B 144 -3.25 12.33 -4.34
C VAL B 144 -2.52 11.84 -5.58
N PHE B 145 -3.27 11.38 -6.57
CA PHE B 145 -2.65 10.91 -7.80
C PHE B 145 -2.20 12.08 -8.63
N LYS B 146 -2.85 13.22 -8.44
CA LYS B 146 -2.46 14.41 -9.19
C LYS B 146 -1.00 14.62 -8.81
N GLU B 147 -0.68 14.29 -7.56
CA GLU B 147 0.65 14.42 -6.99
C GLU B 147 1.77 13.50 -7.50
N ILE B 148 1.41 12.35 -8.07
CA ILE B 148 2.43 11.39 -8.53
C ILE B 148 2.37 11.03 -10.00
N THR B 149 1.61 11.78 -10.79
CA THR B 149 1.47 11.51 -12.20
C THR B 149 1.85 12.76 -12.99
N VAL B 150 1.79 12.71 -14.32
CA VAL B 150 2.14 13.89 -15.12
C VAL B 150 0.91 14.57 -15.71
N ALA B 151 -0.12 13.76 -15.97
CA ALA B 151 -1.38 14.26 -16.51
C ALA B 151 -2.47 13.42 -15.90
N GLN B 152 -3.68 13.95 -15.81
CA GLN B 152 -4.79 13.19 -15.26
C GLN B 152 -6.05 13.66 -15.95
N ALA B 153 -7.16 12.99 -15.67
CA ALA B 153 -8.42 13.36 -16.28
C ALA B 153 -9.55 12.47 -15.79
N ARG B 154 -10.71 13.06 -15.54
CA ARG B 154 -11.86 12.27 -15.11
C ARG B 154 -12.76 12.17 -16.34
N LEU B 155 -12.86 10.98 -16.90
CA LEU B 155 -13.68 10.78 -18.10
C LEU B 155 -15.16 10.79 -17.73
N ASP B 156 -15.68 12.00 -17.56
CA ASP B 156 -17.07 12.18 -17.20
C ASP B 156 -17.85 12.80 -18.36
N ASP B 157 -17.21 12.90 -19.52
CA ASP B 157 -17.88 13.48 -20.67
C ASP B 157 -17.60 12.69 -21.93
N PRO B 158 -18.47 11.72 -22.24
CA PRO B 158 -18.31 10.87 -23.42
C PRO B 158 -17.90 11.63 -24.68
N ALA B 159 -18.27 12.90 -24.76
CA ALA B 159 -17.91 13.68 -25.94
C ALA B 159 -16.43 14.00 -25.91
N LYS B 160 -15.95 14.43 -24.75
CA LYS B 160 -14.57 14.84 -24.59
C LYS B 160 -13.60 13.69 -24.29
N ALA B 161 -14.13 12.54 -23.90
CA ALA B 161 -13.28 11.41 -23.56
C ALA B 161 -12.15 11.12 -24.57
N PRO B 162 -12.50 10.87 -25.84
CA PRO B 162 -11.52 10.56 -26.87
C PRO B 162 -10.24 11.41 -26.84
N ALA B 163 -10.38 12.69 -27.09
CA ALA B 163 -9.25 13.59 -27.12
C ALA B 163 -8.55 13.60 -25.77
N GLU B 164 -9.35 13.55 -24.71
CA GLU B 164 -8.82 13.55 -23.36
C GLU B 164 -7.89 12.36 -23.17
N ILE B 165 -8.35 11.19 -23.59
CA ILE B 165 -7.54 9.98 -23.48
C ILE B 165 -6.27 10.19 -24.29
N ALA B 166 -6.45 10.57 -25.55
CA ALA B 166 -5.32 10.83 -26.42
C ALA B 166 -4.34 11.75 -25.70
N ARG B 167 -4.86 12.82 -25.10
CA ARG B 167 -4.03 13.77 -24.38
C ARG B 167 -3.17 13.08 -23.32
N VAL B 168 -3.83 12.63 -22.26
CA VAL B 168 -3.16 11.96 -21.14
C VAL B 168 -2.22 10.85 -21.59
N LEU B 169 -2.70 9.97 -22.47
CA LEU B 169 -1.85 8.92 -22.97
C LEU B 169 -0.66 9.61 -23.63
N GLY B 170 -0.96 10.58 -24.49
CA GLY B 170 0.09 11.31 -25.18
C GLY B 170 1.11 11.90 -24.24
N ALA B 171 0.69 12.12 -22.99
CA ALA B 171 1.56 12.70 -21.97
C ALA B 171 2.53 11.68 -21.40
N ALA B 172 2.02 10.54 -20.97
CA ALA B 172 2.86 9.51 -20.40
C ALA B 172 3.95 9.17 -21.39
N ARG B 173 3.64 9.31 -22.68
CA ARG B 173 4.58 9.01 -23.74
C ARG B 173 5.59 10.12 -23.87
N ALA B 174 5.10 11.34 -24.04
CA ALA B 174 5.98 12.48 -24.18
C ALA B 174 6.93 12.62 -22.98
N GLN B 175 6.38 12.43 -21.78
CA GLN B 175 7.18 12.56 -20.56
C GLN B 175 7.61 11.25 -19.90
N SER B 176 7.15 10.13 -20.43
CA SER B 176 7.51 8.83 -19.88
C SER B 176 7.32 8.72 -18.37
N ARG B 177 6.11 9.02 -17.90
CA ARG B 177 5.81 8.94 -16.47
C ARG B 177 4.35 8.55 -16.31
N PRO B 178 3.95 8.12 -15.10
CA PRO B 178 2.56 7.72 -14.84
C PRO B 178 1.50 8.76 -15.13
N VAL B 179 0.32 8.27 -15.50
CA VAL B 179 -0.83 9.11 -15.79
C VAL B 179 -2.02 8.56 -15.02
N TYR B 180 -2.98 9.43 -14.73
CA TYR B 180 -4.16 9.03 -13.97
C TYR B 180 -5.43 9.12 -14.78
N LEU B 181 -6.23 8.06 -14.75
CA LEU B 181 -7.51 8.04 -15.47
C LEU B 181 -8.60 7.49 -14.57
N GLU B 182 -9.60 8.33 -14.36
CA GLU B 182 -10.74 7.99 -13.53
C GLU B 182 -11.94 7.74 -14.45
N ILE B 183 -12.64 6.64 -14.26
CA ILE B 183 -13.79 6.32 -15.10
C ILE B 183 -15.08 6.04 -14.30
N PRO B 184 -15.92 7.06 -14.11
CA PRO B 184 -17.16 6.83 -13.35
C PRO B 184 -17.84 5.64 -14.01
N ARG B 185 -18.37 4.71 -13.21
CA ARG B 185 -18.98 3.51 -13.78
C ARG B 185 -20.13 3.68 -14.77
N ASN B 186 -21.00 4.65 -14.53
CA ASN B 186 -22.10 4.87 -15.45
C ASN B 186 -21.57 5.44 -16.77
N MET B 187 -20.25 5.38 -16.94
CA MET B 187 -19.62 5.90 -18.15
C MET B 187 -18.76 4.85 -18.84
N VAL B 188 -18.69 3.67 -18.26
CA VAL B 188 -17.89 2.61 -18.84
C VAL B 188 -18.42 2.14 -20.18
N ASN B 189 -19.71 2.34 -20.40
CA ASN B 189 -20.38 1.89 -21.62
C ASN B 189 -20.98 2.97 -22.53
N ALA B 190 -20.77 4.24 -22.22
CA ALA B 190 -21.30 5.32 -23.05
C ALA B 190 -20.64 5.27 -24.43
N GLU B 191 -21.44 5.27 -25.50
CA GLU B 191 -20.87 5.23 -26.85
C GLU B 191 -20.07 6.51 -27.08
N VAL B 192 -18.87 6.34 -27.65
CA VAL B 192 -18.00 7.46 -27.92
C VAL B 192 -17.33 7.17 -29.24
N GLU B 193 -16.71 8.18 -29.84
CA GLU B 193 -16.00 7.99 -31.09
C GLU B 193 -14.67 7.43 -30.68
N PRO B 194 -13.98 6.74 -31.58
CA PRO B 194 -12.67 6.16 -31.25
C PRO B 194 -11.65 7.20 -30.85
N VAL B 195 -10.60 6.76 -30.16
CA VAL B 195 -9.52 7.64 -29.70
C VAL B 195 -8.47 7.81 -30.80
N GLY B 196 -8.19 9.06 -31.16
CA GLY B 196 -7.21 9.33 -32.19
C GLY B 196 -5.76 9.22 -31.75
N ASP B 197 -4.88 9.99 -32.36
CA ASP B 197 -3.47 9.94 -31.97
C ASP B 197 -3.16 10.98 -30.90
N ASP B 198 -1.95 10.87 -30.34
CA ASP B 198 -1.52 11.79 -29.29
C ASP B 198 -1.51 13.20 -29.84
N PRO B 199 -1.83 14.19 -29.00
CA PRO B 199 -1.83 15.59 -29.43
C PRO B 199 -0.40 16.02 -29.70
N ALA B 200 -0.17 16.73 -30.80
CA ALA B 200 1.18 17.16 -31.16
C ALA B 200 1.76 18.13 -30.13
N TRP B 201 2.92 17.78 -29.60
CA TRP B 201 3.57 18.63 -28.60
C TRP B 201 4.39 19.73 -29.26
N PRO B 202 4.73 20.79 -28.49
CA PRO B 202 5.51 21.94 -28.96
C PRO B 202 6.96 21.60 -29.30
N VAL B 203 7.44 22.20 -30.38
CA VAL B 203 8.80 22.00 -30.86
C VAL B 203 9.17 23.23 -31.69
N ASP B 204 10.18 23.96 -31.26
CA ASP B 204 10.61 25.15 -31.99
C ASP B 204 11.82 24.81 -32.87
N ARG B 205 11.72 25.06 -34.17
CA ARG B 205 12.84 24.79 -35.09
C ARG B 205 14.12 25.48 -34.63
N ASP B 206 14.07 26.81 -34.58
CA ASP B 206 15.22 27.63 -34.17
C ASP B 206 15.76 27.25 -32.81
N ALA B 207 14.91 27.40 -31.79
CA ALA B 207 15.27 27.07 -30.42
C ALA B 207 16.15 25.84 -30.41
N LEU B 208 15.63 24.73 -30.94
CA LEU B 208 16.35 23.46 -31.03
C LEU B 208 17.77 23.66 -31.58
N ALA B 209 17.85 24.11 -32.83
CA ALA B 209 19.14 24.35 -33.47
C ALA B 209 20.10 25.08 -32.52
N ALA B 210 19.65 26.21 -31.99
CA ALA B 210 20.45 27.00 -31.07
C ALA B 210 20.97 26.13 -29.96
N CYS B 211 20.11 25.23 -29.47
CA CYS B 211 20.46 24.32 -28.38
C CYS B 211 21.59 23.38 -28.79
N ALA B 212 21.35 22.60 -29.84
CA ALA B 212 22.37 21.69 -30.33
C ALA B 212 23.67 22.48 -30.47
N ASP B 213 23.62 23.55 -31.25
CA ASP B 213 24.79 24.40 -31.47
C ASP B 213 25.59 24.58 -30.19
N GLU B 214 24.94 25.17 -29.19
CA GLU B 214 25.60 25.42 -27.91
C GLU B 214 26.06 24.14 -27.23
N VAL B 215 25.29 23.08 -27.40
CA VAL B 215 25.62 21.79 -26.79
C VAL B 215 26.92 21.25 -27.38
N LEU B 216 26.94 21.16 -28.70
CA LEU B 216 28.09 20.64 -29.42
C LEU B 216 29.29 21.54 -29.17
N ALA B 217 29.06 22.84 -29.23
CA ALA B 217 30.13 23.81 -28.98
C ALA B 217 30.73 23.52 -27.60
N ALA B 218 29.85 23.35 -26.61
CA ALA B 218 30.28 23.08 -25.25
C ALA B 218 31.11 21.82 -25.15
N MET B 219 30.73 20.81 -25.93
CA MET B 219 31.42 19.52 -25.94
C MET B 219 32.81 19.63 -26.52
N ARG B 220 32.89 20.15 -27.74
CA ARG B 220 34.14 20.35 -28.45
C ARG B 220 35.15 21.14 -27.61
N SER B 221 34.67 22.11 -26.86
CA SER B 221 35.55 22.94 -26.06
C SER B 221 35.96 22.32 -24.73
N ALA B 222 35.47 21.12 -24.45
CA ALA B 222 35.79 20.46 -23.17
C ALA B 222 37.10 19.70 -23.18
N THR B 223 37.66 19.52 -21.99
CA THR B 223 38.91 18.78 -21.83
C THR B 223 38.59 17.28 -21.84
N SER B 224 37.86 16.85 -20.82
CA SER B 224 37.44 15.46 -20.67
C SER B 224 35.93 15.34 -20.75
N PRO B 225 35.37 15.54 -21.96
CA PRO B 225 33.93 15.43 -22.09
C PRO B 225 33.51 13.98 -21.88
N VAL B 226 32.55 13.77 -20.99
CA VAL B 226 32.05 12.44 -20.68
C VAL B 226 30.55 12.35 -20.97
N LEU B 227 30.18 11.54 -21.95
CA LEU B 227 28.78 11.37 -22.30
C LEU B 227 28.16 10.19 -21.57
N MET B 228 27.12 10.47 -20.78
CA MET B 228 26.43 9.44 -20.03
C MET B 228 25.10 9.06 -20.64
N VAL B 229 24.81 7.76 -20.62
CA VAL B 229 23.57 7.22 -21.15
C VAL B 229 22.68 6.80 -19.97
N CYS B 230 21.44 7.27 -19.95
CA CYS B 230 20.55 6.92 -18.87
C CYS B 230 19.14 6.48 -19.31
N VAL B 231 18.26 6.38 -18.33
CA VAL B 231 16.87 5.95 -18.48
C VAL B 231 16.07 6.45 -19.69
N GLU B 232 16.02 7.76 -19.92
CA GLU B 232 15.25 8.29 -21.04
C GLU B 232 15.65 7.64 -22.37
N VAL B 233 16.91 7.21 -22.46
CA VAL B 233 17.41 6.58 -23.67
C VAL B 233 16.67 5.27 -23.96
N ARG B 234 16.49 4.45 -22.92
CA ARG B 234 15.82 3.17 -23.07
C ARG B 234 14.31 3.32 -23.19
N ARG B 235 13.76 4.40 -22.64
CA ARG B 235 12.30 4.61 -22.68
C ARG B 235 11.79 5.00 -24.07
N TYR B 236 12.51 5.92 -24.72
CA TYR B 236 12.11 6.38 -26.04
C TYR B 236 12.76 5.55 -27.12
N GLY B 237 13.25 4.37 -26.73
CA GLY B 237 13.91 3.44 -27.64
C GLY B 237 14.92 4.10 -28.56
N LEU B 238 15.59 5.12 -28.04
CA LEU B 238 16.56 5.88 -28.83
C LEU B 238 17.93 5.24 -28.97
N GLU B 239 18.20 4.17 -28.24
CA GLU B 239 19.52 3.52 -28.30
C GLU B 239 20.00 3.40 -29.74
N ALA B 240 19.08 3.13 -30.66
CA ALA B 240 19.41 2.98 -32.08
C ALA B 240 20.20 4.15 -32.65
N LYS B 241 19.73 5.37 -32.40
CA LYS B 241 20.38 6.57 -32.89
C LYS B 241 21.50 7.09 -32.00
N VAL B 242 21.43 6.83 -30.69
CA VAL B 242 22.47 7.31 -29.78
C VAL B 242 23.79 6.60 -30.01
N ALA B 243 23.72 5.37 -30.52
CA ALA B 243 24.92 4.61 -30.81
C ALA B 243 25.58 5.27 -32.01
N GLU B 244 24.74 5.75 -32.93
CA GLU B 244 25.20 6.42 -34.13
C GLU B 244 25.81 7.78 -33.77
N LEU B 245 25.50 8.23 -32.56
CA LEU B 245 26.02 9.50 -32.06
C LEU B 245 27.28 9.25 -31.26
N ALA B 246 27.18 8.35 -30.28
CA ALA B 246 28.32 8.03 -29.44
C ALA B 246 29.54 7.83 -30.32
N GLN B 247 29.29 7.43 -31.56
CA GLN B 247 30.35 7.20 -32.52
C GLN B 247 30.81 8.52 -33.12
N ARG B 248 29.88 9.26 -33.73
CA ARG B 248 30.19 10.53 -34.36
C ARG B 248 30.62 11.64 -33.39
N LEU B 249 30.45 11.40 -32.09
CA LEU B 249 30.84 12.38 -31.09
C LEU B 249 32.34 12.26 -30.84
N GLY B 250 32.78 11.06 -30.46
CA GLY B 250 34.19 10.82 -30.22
C GLY B 250 34.65 10.93 -28.78
N VAL B 251 33.70 11.13 -27.87
CA VAL B 251 34.02 11.26 -26.46
C VAL B 251 33.72 9.96 -25.71
N PRO B 252 34.26 9.82 -24.49
CA PRO B 252 34.07 8.64 -23.64
C PRO B 252 32.60 8.42 -23.28
N VAL B 253 32.16 7.17 -23.28
CA VAL B 253 30.77 6.86 -22.96
C VAL B 253 30.66 6.04 -21.69
N VAL B 254 29.79 6.49 -20.79
CA VAL B 254 29.54 5.79 -19.54
C VAL B 254 28.03 5.72 -19.37
N THR B 255 27.54 4.75 -18.62
CA THR B 255 26.11 4.64 -18.39
C THR B 255 25.85 4.87 -16.92
N THR B 256 24.63 5.25 -16.61
CA THR B 256 24.22 5.46 -15.23
C THR B 256 23.66 4.10 -14.85
N PHE B 257 22.95 4.04 -13.74
CA PHE B 257 22.39 2.76 -13.35
C PHE B 257 21.26 2.41 -14.31
N MET B 258 20.22 3.24 -14.33
CA MET B 258 19.10 2.99 -15.23
C MET B 258 19.63 2.74 -16.63
N GLY B 259 20.80 3.31 -16.92
CA GLY B 259 21.37 3.17 -18.25
C GLY B 259 22.20 1.93 -18.47
N ARG B 260 22.56 1.27 -17.38
CA ARG B 260 23.36 0.04 -17.43
C ARG B 260 22.89 -0.84 -18.59
N GLY B 261 23.83 -1.34 -19.39
CA GLY B 261 23.48 -2.20 -20.50
C GLY B 261 23.47 -1.55 -21.87
N LEU B 262 22.78 -0.43 -22.00
CA LEU B 262 22.67 0.29 -23.27
C LEU B 262 24.00 0.38 -24.04
N LEU B 263 23.90 0.39 -25.37
CA LEU B 263 25.07 0.50 -26.25
C LEU B 263 26.11 -0.59 -26.01
N ALA B 264 25.66 -1.76 -25.55
CA ALA B 264 26.57 -2.86 -25.28
C ALA B 264 27.17 -3.36 -26.58
N ASP B 265 26.33 -3.54 -27.58
CA ASP B 265 26.75 -4.02 -28.88
C ASP B 265 26.87 -2.85 -29.84
N ALA B 266 27.38 -1.73 -29.34
CA ALA B 266 27.55 -0.52 -30.14
C ALA B 266 29.02 -0.28 -30.46
N PRO B 267 29.29 0.45 -31.56
CA PRO B 267 30.64 0.78 -32.02
C PRO B 267 31.56 1.27 -30.91
N THR B 268 31.06 2.21 -30.10
CA THR B 268 31.83 2.74 -28.99
C THR B 268 31.10 2.43 -27.68
N PRO B 269 31.05 1.15 -27.30
CA PRO B 269 30.38 0.75 -26.07
C PRO B 269 30.83 1.49 -24.82
N PRO B 270 29.95 1.58 -23.82
CA PRO B 270 30.28 2.28 -22.58
C PRO B 270 31.57 1.67 -22.05
N LEU B 271 32.31 2.43 -21.24
CA LEU B 271 33.56 1.94 -20.69
C LEU B 271 33.29 1.40 -19.30
N GLY B 272 32.02 1.45 -18.90
CA GLY B 272 31.65 0.96 -17.59
C GLY B 272 30.36 1.59 -17.16
N THR B 273 29.92 1.28 -15.94
CA THR B 273 28.69 1.84 -15.40
C THR B 273 29.04 2.65 -14.18
N TYR B 274 28.26 3.71 -13.95
CA TYR B 274 28.49 4.59 -12.81
C TYR B 274 27.42 4.37 -11.73
N ILE B 275 27.88 3.99 -10.56
CA ILE B 275 26.99 3.75 -9.43
C ILE B 275 27.57 4.49 -8.23
N GLY B 276 28.49 5.41 -8.52
CA GLY B 276 29.10 6.20 -7.48
C GLY B 276 30.19 5.50 -6.68
N VAL B 277 30.20 5.80 -5.39
CA VAL B 277 31.16 5.26 -4.43
C VAL B 277 31.47 3.77 -4.58
N ALA B 278 30.44 2.95 -4.40
CA ALA B 278 30.57 1.50 -4.49
C ALA B 278 31.03 0.98 -5.85
N GLY B 279 31.25 1.90 -6.79
CA GLY B 279 31.67 1.48 -8.11
C GLY B 279 33.16 1.53 -8.37
N ASP B 280 33.52 1.24 -9.62
CA ASP B 280 34.91 1.25 -10.06
C ASP B 280 35.43 2.67 -9.93
N ALA B 281 36.25 2.89 -8.90
CA ALA B 281 36.82 4.21 -8.66
C ALA B 281 37.44 4.80 -9.93
N GLU B 282 37.72 3.93 -10.89
CA GLU B 282 38.30 4.35 -12.15
C GLU B 282 37.25 5.14 -12.94
N ILE B 283 36.05 4.58 -13.03
CA ILE B 283 34.94 5.23 -13.73
C ILE B 283 34.53 6.50 -13.00
N THR B 284 34.36 6.38 -11.68
CA THR B 284 33.97 7.49 -10.82
C THR B 284 34.61 8.82 -11.20
N ARG B 285 35.90 8.96 -10.90
CA ARG B 285 36.65 10.19 -11.20
C ARG B 285 36.32 10.74 -12.59
N LEU B 286 36.44 9.90 -13.62
CA LEU B 286 36.16 10.31 -14.99
C LEU B 286 34.89 11.14 -15.10
N VAL B 287 33.85 10.70 -14.39
CA VAL B 287 32.56 11.37 -14.40
C VAL B 287 32.54 12.61 -13.50
N GLU B 288 32.75 12.40 -12.21
CA GLU B 288 32.73 13.48 -11.25
C GLU B 288 33.74 14.59 -11.52
N GLU B 289 34.65 14.36 -12.47
CA GLU B 289 35.68 15.35 -12.79
C GLU B 289 35.76 15.66 -14.27
N SER B 290 34.60 15.91 -14.87
CA SER B 290 34.55 16.23 -16.29
C SER B 290 34.18 17.70 -16.47
N ASP B 291 34.34 18.22 -17.68
CA ASP B 291 33.97 19.59 -17.97
C ASP B 291 33.16 19.59 -19.26
N GLY B 292 32.65 18.41 -19.59
CA GLY B 292 31.84 18.22 -20.76
C GLY B 292 30.97 16.99 -20.52
N LEU B 293 30.48 16.87 -19.28
CA LEU B 293 29.63 15.78 -18.83
C LEU B 293 28.21 15.88 -19.38
N PHE B 294 27.99 15.28 -20.54
CA PHE B 294 26.71 15.30 -21.22
C PHE B 294 25.73 14.25 -20.72
N LEU B 295 24.95 14.59 -19.70
CA LEU B 295 23.98 13.64 -19.13
C LEU B 295 22.75 13.50 -20.02
N LEU B 296 22.81 12.52 -20.93
CA LEU B 296 21.72 12.24 -21.86
C LEU B 296 20.55 11.52 -21.18
N GLY B 297 19.36 12.13 -21.26
CA GLY B 297 18.16 11.55 -20.65
C GLY B 297 18.35 11.03 -19.24
N ALA B 298 19.33 11.60 -18.54
CA ALA B 298 19.65 11.19 -17.18
C ALA B 298 18.83 11.79 -16.06
N ILE B 299 18.74 11.06 -14.96
CA ILE B 299 18.03 11.47 -13.75
C ILE B 299 19.06 12.12 -12.82
N LEU B 300 18.62 13.03 -11.97
CA LEU B 300 19.54 13.70 -11.04
C LEU B 300 19.02 13.65 -9.60
N SER B 301 19.83 13.10 -8.70
CA SER B 301 19.46 13.00 -7.29
C SER B 301 20.53 12.34 -6.43
N ASP B 302 20.28 12.27 -5.13
CA ASP B 302 21.20 11.65 -4.20
C ASP B 302 20.62 10.29 -3.82
N THR B 303 20.17 9.55 -4.83
CA THR B 303 19.58 8.24 -4.62
C THR B 303 20.58 7.13 -4.91
N ASN B 304 21.46 6.85 -3.95
CA ASN B 304 22.43 5.77 -4.08
C ASN B 304 23.30 5.95 -5.32
N PHE B 305 22.83 5.39 -6.45
CA PHE B 305 23.67 5.26 -7.63
C PHE B 305 23.49 6.45 -8.56
N ALA B 306 22.31 7.05 -8.53
CA ALA B 306 22.01 8.22 -9.35
C ALA B 306 23.15 9.23 -9.30
N VAL B 307 23.24 10.06 -10.34
CA VAL B 307 24.28 11.08 -10.40
C VAL B 307 23.89 12.23 -9.48
N SER B 308 24.51 12.29 -8.31
CA SER B 308 24.22 13.34 -7.36
C SER B 308 24.72 14.68 -7.90
N GLN B 309 23.91 15.73 -7.78
CA GLN B 309 24.30 17.05 -8.26
C GLN B 309 25.39 17.58 -7.34
N ARG B 310 25.54 16.92 -6.20
CA ARG B 310 26.54 17.32 -5.21
C ARG B 310 27.93 16.84 -5.61
N LYS B 311 27.99 15.85 -6.50
CA LYS B 311 29.26 15.27 -6.95
C LYS B 311 29.75 15.66 -8.35
N ILE B 312 29.23 16.75 -8.91
CA ILE B 312 29.64 17.19 -10.25
C ILE B 312 29.70 18.70 -10.46
N ASP B 313 30.50 19.12 -11.45
CA ASP B 313 30.66 20.54 -11.79
C ASP B 313 29.45 21.05 -12.57
N LEU B 314 28.47 21.59 -11.85
CA LEU B 314 27.26 22.10 -12.48
C LEU B 314 27.51 23.12 -13.59
N ARG B 315 28.70 23.71 -13.59
CA ARG B 315 29.04 24.70 -14.60
C ARG B 315 29.09 24.09 -16.00
N LYS B 316 29.95 23.09 -16.18
CA LYS B 316 30.09 22.41 -17.46
C LYS B 316 29.33 21.08 -17.46
N THR B 317 28.00 21.14 -17.50
CA THR B 317 27.17 19.94 -17.50
C THR B 317 25.91 20.08 -18.33
N ILE B 318 25.86 19.40 -19.47
CA ILE B 318 24.66 19.46 -20.29
C ILE B 318 23.71 18.41 -19.73
N HIS B 319 22.53 18.84 -19.31
CA HIS B 319 21.54 17.93 -18.74
C HIS B 319 20.25 17.82 -19.54
N ALA B 320 20.19 16.84 -20.43
CA ALA B 320 19.03 16.60 -21.27
C ALA B 320 18.08 15.69 -20.52
N PHE B 321 16.87 16.18 -20.24
CA PHE B 321 15.90 15.40 -19.50
C PHE B 321 14.55 16.11 -19.44
N ASP B 322 13.48 15.34 -19.58
CA ASP B 322 12.12 15.88 -19.55
C ASP B 322 11.92 16.95 -20.61
N ARG B 323 12.21 16.60 -21.86
CA ARG B 323 12.06 17.54 -22.97
C ARG B 323 12.60 18.93 -22.62
N ALA B 324 13.88 18.97 -22.27
CA ALA B 324 14.57 20.21 -21.92
C ALA B 324 16.06 19.94 -21.81
N VAL B 325 16.87 20.95 -22.03
CA VAL B 325 18.31 20.82 -21.94
C VAL B 325 18.80 21.97 -21.10
N THR B 326 19.63 21.68 -20.12
CA THR B 326 20.14 22.71 -19.25
C THR B 326 21.62 22.59 -19.05
N LEU B 327 22.34 23.59 -19.51
CA LEU B 327 23.78 23.63 -19.32
C LEU B 327 24.07 25.09 -19.13
N GLY B 328 25.20 25.42 -18.51
CA GLY B 328 25.52 26.81 -18.31
C GLY B 328 24.50 27.55 -17.47
N TYR B 329 23.73 26.80 -16.68
CA TYR B 329 22.72 27.41 -15.81
C TYR B 329 21.46 27.92 -16.49
N HIS B 330 21.40 27.84 -17.81
CA HIS B 330 20.22 28.27 -18.56
C HIS B 330 19.55 27.04 -19.15
N THR B 331 18.30 27.19 -19.61
CA THR B 331 17.59 26.04 -20.15
C THR B 331 16.88 26.19 -21.47
N TYR B 332 16.84 25.08 -22.22
CA TYR B 332 16.17 25.01 -23.51
C TYR B 332 14.89 24.20 -23.33
N ALA B 333 13.75 24.87 -23.42
CA ALA B 333 12.46 24.23 -23.23
C ALA B 333 11.94 23.50 -24.45
N ASP B 334 10.98 22.59 -24.23
CA ASP B 334 10.36 21.81 -25.29
C ASP B 334 11.39 21.31 -26.29
N ILE B 335 12.35 20.55 -25.78
CA ILE B 335 13.40 19.98 -26.58
C ILE B 335 13.44 18.48 -26.41
N PRO B 336 12.58 17.76 -27.15
CA PRO B 336 12.52 16.31 -27.06
C PRO B 336 13.90 15.71 -27.33
N LEU B 337 14.31 14.80 -26.46
CA LEU B 337 15.60 14.14 -26.56
C LEU B 337 15.84 13.64 -27.98
N ALA B 338 14.79 13.05 -28.56
CA ALA B 338 14.86 12.55 -29.93
C ALA B 338 15.39 13.66 -30.83
N GLY B 339 14.72 14.80 -30.78
CA GLY B 339 15.11 15.94 -31.58
C GLY B 339 16.52 16.42 -31.29
N LEU B 340 16.84 16.55 -30.02
CA LEU B 340 18.17 17.00 -29.63
C LEU B 340 19.20 16.13 -30.32
N VAL B 341 18.99 14.83 -30.26
CA VAL B 341 19.89 13.85 -30.87
C VAL B 341 19.93 14.00 -32.40
N ASP B 342 18.74 13.92 -32.99
CA ASP B 342 18.57 14.04 -34.43
C ASP B 342 19.28 15.27 -35.00
N ALA B 343 19.22 16.39 -34.29
CA ALA B 343 19.85 17.64 -34.72
C ALA B 343 21.33 17.69 -34.37
N LEU B 344 21.74 16.84 -33.44
CA LEU B 344 23.15 16.77 -33.07
C LEU B 344 23.89 16.02 -34.15
N LEU B 345 23.21 15.04 -34.75
CA LEU B 345 23.81 14.24 -35.80
C LEU B 345 23.98 15.12 -37.03
N GLU B 346 22.95 15.91 -37.33
CA GLU B 346 22.99 16.80 -38.48
C GLU B 346 24.22 17.70 -38.47
N ARG B 347 24.87 17.81 -37.31
CA ARG B 347 26.05 18.66 -37.19
C ARG B 347 27.33 17.88 -36.92
N LEU B 348 27.25 16.55 -36.92
CA LEU B 348 28.42 15.72 -36.70
C LEU B 348 28.73 14.89 -37.95
N PRO B 349 29.90 15.09 -38.56
CA PRO B 349 30.26 14.34 -39.75
C PRO B 349 30.34 12.84 -39.47
N PRO B 350 29.67 12.01 -40.30
CA PRO B 350 29.69 10.56 -40.08
C PRO B 350 31.10 10.04 -39.77
N SER B 351 31.17 8.93 -39.07
CA SER B 351 32.45 8.34 -38.69
C SER B 351 32.46 6.83 -38.87
N ASP B 352 33.63 6.29 -39.18
CA ASP B 352 33.77 4.84 -39.34
C ASP B 352 34.53 4.32 -38.12
N ARG B 353 34.81 5.24 -37.19
CA ARG B 353 35.55 4.96 -35.96
C ARG B 353 34.92 3.90 -35.07
N THR B 354 35.75 3.23 -34.27
CA THR B 354 35.27 2.19 -33.36
C THR B 354 36.27 1.87 -32.26
N THR B 355 35.79 1.84 -31.03
CA THR B 355 36.65 1.59 -29.87
C THR B 355 36.19 0.38 -29.08
N ARG B 356 36.23 -0.79 -29.73
CA ARG B 356 35.83 -2.03 -29.09
C ARG B 356 37.00 -2.70 -28.39
N GLY B 357 37.85 -3.37 -29.18
CA GLY B 357 39.14 -3.83 -28.69
C GLY B 357 38.99 -4.87 -27.58
N LYS B 358 38.51 -6.05 -27.96
CA LYS B 358 38.54 -7.20 -27.06
C LYS B 358 38.25 -6.79 -25.62
N GLU B 359 38.78 -7.56 -24.67
CA GLU B 359 38.38 -7.43 -23.27
C GLU B 359 36.87 -7.31 -23.14
N PRO B 360 36.24 -8.38 -22.64
CA PRO B 360 34.83 -8.32 -22.24
C PRO B 360 34.65 -7.69 -20.87
N HIS B 361 34.90 -8.47 -19.82
CA HIS B 361 34.43 -8.13 -18.48
C HIS B 361 34.52 -9.33 -17.54
N ALA B 362 34.90 -9.07 -16.29
CA ALA B 362 35.15 -10.15 -15.33
C ALA B 362 34.14 -10.18 -14.19
N TYR B 363 33.31 -11.22 -14.19
CA TYR B 363 32.28 -11.39 -13.15
C TYR B 363 32.72 -12.46 -12.15
N PRO B 364 32.22 -12.38 -10.90
CA PRO B 364 32.59 -13.37 -9.89
C PRO B 364 32.06 -14.76 -10.22
N THR B 365 32.97 -15.68 -10.47
CA THR B 365 32.58 -17.05 -10.82
C THR B 365 33.32 -18.05 -9.95
N GLY B 366 33.06 -19.34 -10.17
CA GLY B 366 33.73 -20.38 -9.41
C GLY B 366 33.17 -20.62 -8.03
N LEU B 367 32.13 -21.45 -7.95
CA LEU B 367 31.53 -21.76 -6.69
C LEU B 367 32.11 -23.00 -6.02
N GLN B 368 32.47 -22.84 -4.75
CA GLN B 368 33.01 -23.93 -3.95
C GLN B 368 31.86 -24.86 -3.51
N ALA B 369 31.44 -25.76 -4.39
CA ALA B 369 30.35 -26.70 -4.11
C ALA B 369 30.48 -27.47 -2.80
N ASP B 370 31.28 -26.96 -1.88
CA ASP B 370 31.50 -27.61 -0.59
C ASP B 370 30.32 -27.37 0.34
N GLY B 371 30.44 -27.82 1.57
CA GLY B 371 29.36 -27.63 2.52
C GLY B 371 29.53 -26.42 3.42
N GLU B 372 30.25 -25.42 2.93
CA GLU B 372 30.46 -24.20 3.69
C GLU B 372 29.26 -23.27 3.48
N PRO B 373 28.80 -22.61 4.56
CA PRO B 373 27.65 -21.69 4.54
C PRO B 373 27.69 -20.61 3.46
N ILE B 374 26.52 -20.36 2.88
CA ILE B 374 26.36 -19.39 1.79
C ILE B 374 26.60 -17.94 2.20
N ALA B 375 27.02 -17.15 1.22
CA ALA B 375 27.29 -15.73 1.38
C ALA B 375 26.79 -15.11 0.08
N PRO B 376 26.27 -13.88 0.14
CA PRO B 376 25.76 -13.20 -1.05
C PRO B 376 26.56 -13.49 -2.31
N MET B 377 27.85 -13.20 -2.26
CA MET B 377 28.72 -13.41 -3.41
C MET B 377 28.72 -14.83 -3.98
N ASP B 378 28.61 -15.84 -3.12
CA ASP B 378 28.59 -17.23 -3.57
C ASP B 378 27.49 -17.44 -4.60
N ILE B 379 26.31 -16.93 -4.27
CA ILE B 379 25.16 -17.04 -5.16
C ILE B 379 25.48 -16.46 -6.53
N ALA B 380 26.12 -15.29 -6.54
CA ALA B 380 26.50 -14.65 -7.79
C ALA B 380 27.26 -15.68 -8.61
N ARG B 381 28.32 -16.20 -8.01
CA ARG B 381 29.15 -17.22 -8.66
C ARG B 381 28.20 -18.25 -9.24
N ALA B 382 27.33 -18.77 -8.38
CA ALA B 382 26.36 -19.80 -8.76
C ALA B 382 25.72 -19.57 -10.13
N VAL B 383 24.99 -18.46 -10.25
CA VAL B 383 24.29 -18.10 -11.49
C VAL B 383 25.25 -17.92 -12.65
N ASN B 384 26.28 -17.10 -12.42
CA ASN B 384 27.30 -16.82 -13.42
C ASN B 384 27.86 -18.11 -14.00
N ASP B 385 28.30 -19.02 -13.13
CA ASP B 385 28.86 -20.29 -13.60
C ASP B 385 27.87 -20.95 -14.57
N ARG B 386 26.65 -21.16 -14.09
CA ARG B 386 25.62 -21.77 -14.93
C ARG B 386 25.63 -21.14 -16.31
N VAL B 387 25.67 -19.81 -16.35
CA VAL B 387 25.64 -19.07 -17.61
C VAL B 387 26.83 -19.33 -18.51
N ARG B 388 28.04 -19.29 -17.95
CA ARG B 388 29.26 -19.53 -18.73
C ARG B 388 29.28 -20.97 -19.24
N ALA B 389 28.60 -21.86 -18.52
CA ALA B 389 28.52 -23.26 -18.92
C ALA B 389 27.67 -23.37 -20.18
N GLY B 390 26.96 -22.29 -20.53
CA GLY B 390 26.12 -22.31 -21.71
C GLY B 390 24.69 -21.82 -21.57
N GLN B 391 24.29 -21.49 -20.34
CA GLN B 391 22.92 -21.03 -20.10
C GLN B 391 22.63 -19.62 -20.64
N GLU B 392 21.57 -19.50 -21.43
CA GLU B 392 21.15 -18.20 -21.97
C GLU B 392 20.88 -17.31 -20.75
N PRO B 393 21.20 -16.01 -20.84
CA PRO B 393 20.97 -15.10 -19.72
C PRO B 393 19.52 -14.74 -19.50
N LEU B 394 19.07 -14.85 -18.26
CA LEU B 394 17.69 -14.49 -17.93
C LEU B 394 17.72 -13.07 -17.43
N LEU B 395 16.69 -12.31 -17.78
CA LEU B 395 16.60 -10.93 -17.30
C LEU B 395 16.39 -11.10 -15.81
N ILE B 396 16.83 -10.13 -15.02
CA ILE B 396 16.68 -10.23 -13.58
C ILE B 396 15.79 -9.15 -12.96
N ALA B 397 15.00 -9.57 -11.99
CA ALA B 397 14.11 -8.66 -11.26
C ALA B 397 14.56 -8.75 -9.81
N ALA B 398 15.08 -7.65 -9.28
CA ALA B 398 15.57 -7.63 -7.92
C ALA B 398 14.88 -6.62 -7.05
N ASP B 399 14.61 -7.03 -5.82
CA ASP B 399 13.97 -6.18 -4.85
C ASP B 399 15.04 -5.31 -4.20
N MET B 400 14.64 -4.43 -3.29
CA MET B 400 15.61 -3.57 -2.64
C MET B 400 16.15 -4.30 -1.43
N GLY B 401 17.45 -4.13 -1.20
CA GLY B 401 18.10 -4.79 -0.08
C GLY B 401 19.40 -5.38 -0.57
N ASP B 402 20.00 -6.26 0.22
CA ASP B 402 21.27 -6.84 -0.16
C ASP B 402 21.17 -7.70 -1.42
N CYS B 403 19.95 -7.98 -1.86
CA CYS B 403 19.75 -8.78 -3.06
C CYS B 403 20.06 -7.95 -4.31
N LEU B 404 19.78 -6.66 -4.22
CA LEU B 404 20.05 -5.75 -5.34
C LEU B 404 21.54 -5.62 -5.54
N PHE B 405 22.23 -5.17 -4.50
CA PHE B 405 23.68 -4.98 -4.51
C PHE B 405 24.41 -6.25 -4.91
N THR B 406 23.73 -7.38 -4.80
CA THR B 406 24.34 -8.66 -5.14
C THR B 406 24.07 -9.01 -6.59
N ALA B 407 22.95 -8.50 -7.08
CA ALA B 407 22.52 -8.75 -8.45
C ALA B 407 23.35 -7.98 -9.48
N MET B 408 24.04 -6.94 -9.03
CA MET B 408 24.85 -6.14 -9.94
C MET B 408 25.96 -6.97 -10.56
N ASP B 409 26.50 -7.92 -9.78
CA ASP B 409 27.59 -8.78 -10.24
C ASP B 409 27.13 -10.08 -10.94
N MET B 410 25.89 -10.11 -11.40
CA MET B 410 25.37 -11.28 -12.09
C MET B 410 25.17 -10.99 -13.56
N ILE B 411 25.56 -11.95 -14.40
CA ILE B 411 25.40 -11.82 -15.84
C ILE B 411 23.90 -11.85 -16.11
N ASP B 412 23.37 -10.85 -16.83
CA ASP B 412 21.95 -10.82 -17.11
C ASP B 412 21.62 -10.56 -18.57
N ALA B 413 20.33 -10.33 -18.80
CA ALA B 413 19.77 -10.04 -20.11
C ALA B 413 18.76 -8.96 -19.80
N GLY B 414 19.20 -8.00 -19.01
CA GLY B 414 18.36 -6.90 -18.60
C GLY B 414 18.16 -7.01 -17.11
N LEU B 415 18.45 -5.95 -16.38
CA LEU B 415 18.26 -5.96 -14.94
C LEU B 415 17.04 -5.07 -14.72
N MET B 416 16.38 -5.23 -13.58
CA MET B 416 15.18 -4.46 -13.33
C MET B 416 14.97 -4.32 -11.82
N ALA B 417 15.39 -3.18 -11.25
CA ALA B 417 15.25 -2.97 -9.81
C ALA B 417 15.09 -1.50 -9.46
N PRO B 418 14.56 -1.20 -8.26
CA PRO B 418 14.35 0.17 -7.79
C PRO B 418 15.61 0.83 -7.22
N GLY B 419 16.58 1.07 -8.09
CA GLY B 419 17.81 1.68 -7.62
C GLY B 419 17.64 3.13 -7.20
N TYR B 420 16.97 3.91 -8.03
CA TYR B 420 16.78 5.32 -7.73
C TYR B 420 15.55 5.58 -6.87
N TYR B 421 14.94 4.53 -6.35
CA TYR B 421 13.76 4.72 -5.52
C TYR B 421 13.78 3.98 -4.17
N ALA B 422 14.40 2.80 -4.14
CA ALA B 422 14.49 2.01 -2.91
C ALA B 422 13.15 1.50 -2.36
N GLY B 423 12.14 1.44 -3.22
CA GLY B 423 10.85 0.98 -2.79
C GLY B 423 10.78 -0.51 -2.62
N MET B 424 10.96 -0.99 -1.39
CA MET B 424 10.90 -2.42 -1.10
C MET B 424 9.55 -2.95 -1.55
N GLY B 425 9.51 -4.22 -1.91
CA GLY B 425 8.28 -4.84 -2.37
C GLY B 425 8.30 -5.17 -3.84
N PHE B 426 9.08 -4.41 -4.59
CA PHE B 426 9.23 -4.56 -6.03
C PHE B 426 9.53 -5.99 -6.46
N GLY B 427 10.74 -6.44 -6.14
CA GLY B 427 11.21 -7.77 -6.49
C GLY B 427 10.28 -8.73 -7.23
N VAL B 428 9.70 -9.65 -6.46
CA VAL B 428 8.81 -10.68 -6.98
C VAL B 428 7.74 -10.12 -7.92
N PRO B 429 6.88 -9.23 -7.40
CA PRO B 429 5.84 -8.67 -8.26
C PRO B 429 6.39 -8.34 -9.65
N ALA B 430 7.48 -7.58 -9.67
CA ALA B 430 8.14 -7.14 -10.89
C ALA B 430 8.47 -8.32 -11.80
N GLY B 431 9.21 -9.28 -11.25
CA GLY B 431 9.57 -10.44 -12.02
C GLY B 431 8.36 -11.11 -12.64
N ILE B 432 7.28 -11.20 -11.88
CA ILE B 432 6.03 -11.80 -12.35
C ILE B 432 5.51 -11.03 -13.55
N GLY B 433 5.28 -9.74 -13.37
CA GLY B 433 4.78 -8.90 -14.44
C GLY B 433 5.63 -9.15 -15.68
N ALA B 434 6.94 -9.20 -15.47
CA ALA B 434 7.87 -9.44 -16.56
C ALA B 434 7.48 -10.71 -17.30
N GLN B 435 7.73 -11.86 -16.69
CA GLN B 435 7.42 -13.13 -17.33
C GLN B 435 6.01 -13.21 -17.92
N CYS B 436 5.13 -12.30 -17.52
CA CYS B 436 3.77 -12.29 -18.04
C CYS B 436 3.71 -11.79 -19.48
N VAL B 437 4.77 -11.09 -19.89
CA VAL B 437 4.84 -10.52 -21.23
C VAL B 437 6.08 -10.99 -21.98
N SER B 438 6.94 -11.72 -21.27
CA SER B 438 8.19 -12.24 -21.82
C SER B 438 8.03 -13.02 -23.13
N GLY B 439 6.78 -13.33 -23.49
CA GLY B 439 6.51 -14.09 -24.71
C GLY B 439 7.26 -15.41 -24.76
N GLY B 440 7.60 -15.95 -23.59
CA GLY B 440 8.32 -17.21 -23.51
C GLY B 440 9.50 -17.17 -22.57
N LYS B 441 10.38 -16.18 -22.74
CA LYS B 441 11.56 -16.05 -21.90
C LYS B 441 11.19 -16.28 -20.44
N ARG B 442 12.16 -16.68 -19.63
CA ARG B 442 11.92 -16.91 -18.22
C ARG B 442 12.50 -15.74 -17.44
N ILE B 443 11.95 -15.49 -16.26
CA ILE B 443 12.41 -14.38 -15.43
C ILE B 443 13.02 -14.87 -14.12
N LEU B 444 14.13 -14.24 -13.73
CA LEU B 444 14.79 -14.59 -12.49
C LEU B 444 14.61 -13.49 -11.46
N THR B 445 14.25 -13.87 -10.25
CA THR B 445 14.02 -12.92 -9.17
C THR B 445 14.91 -13.21 -7.98
N VAL B 446 15.42 -12.14 -7.38
CA VAL B 446 16.27 -12.21 -6.19
C VAL B 446 15.61 -11.27 -5.18
N VAL B 447 15.43 -11.75 -3.96
CA VAL B 447 14.79 -10.94 -2.92
C VAL B 447 15.10 -11.44 -1.52
N GLY B 448 15.28 -10.50 -0.60
CA GLY B 448 15.55 -10.85 0.77
C GLY B 448 14.30 -11.22 1.54
N ASP B 449 14.51 -11.86 2.68
CA ASP B 449 13.44 -12.29 3.56
C ASP B 449 12.48 -11.18 3.96
N GLY B 450 13.04 -10.03 4.31
CA GLY B 450 12.23 -8.88 4.73
C GLY B 450 11.28 -8.31 3.71
N ALA B 451 11.66 -8.41 2.44
CA ALA B 451 10.86 -7.91 1.34
C ALA B 451 9.91 -9.01 0.89
N PHE B 452 10.35 -10.25 1.00
CA PHE B 452 9.49 -11.36 0.60
C PHE B 452 8.26 -11.37 1.50
N GLN B 453 8.43 -10.92 2.73
CA GLN B 453 7.33 -10.87 3.68
C GLN B 453 6.32 -9.82 3.23
N MET B 454 6.73 -8.98 2.29
CA MET B 454 5.88 -7.92 1.78
C MET B 454 5.14 -8.29 0.50
N THR B 455 5.84 -8.85 -0.48
CA THR B 455 5.20 -9.19 -1.74
C THR B 455 5.59 -10.53 -2.34
N GLY B 456 6.34 -11.32 -1.59
CA GLY B 456 6.76 -12.60 -2.12
C GLY B 456 5.61 -13.57 -2.30
N TRP B 457 4.45 -13.23 -1.77
CA TRP B 457 3.29 -14.11 -1.86
C TRP B 457 2.58 -14.02 -3.20
N GLU B 458 2.92 -13.00 -4.00
CA GLU B 458 2.26 -12.86 -5.28
C GLU B 458 2.56 -14.05 -6.19
N LEU B 459 3.37 -14.99 -5.72
CA LEU B 459 3.71 -16.16 -6.54
C LEU B 459 2.55 -17.12 -6.62
N GLY B 460 1.61 -16.99 -5.68
CA GLY B 460 0.45 -17.85 -5.67
C GLY B 460 -0.34 -17.71 -6.95
N ASN B 461 -0.13 -16.60 -7.64
CA ASN B 461 -0.85 -16.33 -8.89
C ASN B 461 -0.11 -16.89 -10.12
N CYS B 462 1.03 -17.55 -9.88
CA CYS B 462 1.83 -18.11 -10.95
C CYS B 462 1.17 -19.24 -11.71
N ARG B 463 0.28 -19.97 -11.06
CA ARG B 463 -0.39 -21.07 -11.73
C ARG B 463 -1.36 -20.54 -12.75
N ARG B 464 -2.28 -19.69 -12.29
CA ARG B 464 -3.27 -19.11 -13.17
C ARG B 464 -2.64 -18.31 -14.29
N LEU B 465 -1.55 -17.59 -13.98
CA LEU B 465 -0.87 -16.77 -14.97
C LEU B 465 -0.04 -17.58 -15.95
N GLY B 466 0.15 -18.86 -15.65
CA GLY B 466 0.93 -19.75 -16.52
C GLY B 466 2.37 -19.34 -16.74
N ILE B 467 3.08 -19.12 -15.65
CA ILE B 467 4.47 -18.71 -15.69
C ILE B 467 5.17 -19.38 -14.53
N ASP B 468 6.48 -19.60 -14.66
CA ASP B 468 7.23 -20.27 -13.62
C ASP B 468 8.57 -19.58 -13.39
N PRO B 469 8.53 -18.39 -12.80
CA PRO B 469 9.76 -17.65 -12.53
C PRO B 469 10.59 -18.32 -11.44
N ILE B 470 11.90 -18.21 -11.55
CA ILE B 470 12.79 -18.79 -10.56
C ILE B 470 13.15 -17.68 -9.55
N VAL B 471 12.91 -17.95 -8.27
CA VAL B 471 13.16 -16.96 -7.23
C VAL B 471 14.25 -17.38 -6.23
N ILE B 472 15.13 -16.45 -5.89
CA ILE B 472 16.18 -16.74 -4.93
C ILE B 472 16.07 -15.91 -3.66
N LEU B 473 15.41 -16.48 -2.66
CA LEU B 473 15.22 -15.80 -1.39
C LEU B 473 16.52 -15.67 -0.58
N PHE B 474 16.85 -14.43 -0.17
CA PHE B 474 18.05 -14.15 0.61
C PHE B 474 17.69 -14.01 2.09
N ASN B 475 17.28 -15.11 2.69
CA ASN B 475 16.89 -15.11 4.10
C ASN B 475 18.04 -14.99 5.09
N ASN B 476 18.38 -13.77 5.48
CA ASN B 476 19.45 -13.56 6.45
C ASN B 476 18.88 -13.35 7.84
N ALA B 477 17.58 -13.59 7.96
CA ALA B 477 16.85 -13.46 9.22
C ALA B 477 16.77 -12.05 9.77
N SER B 478 17.11 -11.06 8.95
CA SER B 478 17.06 -9.68 9.42
C SER B 478 16.97 -8.67 8.28
N TRP B 479 16.87 -7.41 8.68
CA TRP B 479 16.85 -6.31 7.73
C TRP B 479 18.30 -5.93 7.78
N GLU B 480 19.12 -6.75 7.14
CA GLU B 480 20.57 -6.59 7.12
C GLU B 480 21.10 -5.26 6.59
N MET B 481 20.51 -4.73 5.53
CA MET B 481 20.98 -3.45 5.00
C MET B 481 20.85 -2.36 6.05
N LEU B 482 19.78 -2.44 6.85
CA LEU B 482 19.56 -1.46 7.91
C LEU B 482 20.47 -1.69 9.12
N ARG B 483 20.80 -2.95 9.37
CA ARG B 483 21.66 -3.35 10.50
C ARG B 483 23.10 -2.88 10.33
N THR B 484 23.59 -2.89 9.10
CA THR B 484 24.97 -2.45 8.85
C THR B 484 25.16 -0.99 9.27
N PHE B 485 24.09 -0.22 9.18
CA PHE B 485 24.13 1.19 9.53
C PHE B 485 23.83 1.48 11.00
N GLN B 486 23.31 0.49 11.71
CA GLN B 486 22.97 0.65 13.13
C GLN B 486 22.94 -0.73 13.77
N PRO B 487 24.10 -1.42 13.78
CA PRO B 487 24.29 -2.76 14.33
C PRO B 487 24.02 -2.89 15.84
N GLU B 488 24.08 -1.77 16.55
CA GLU B 488 23.83 -1.77 18.00
C GLU B 488 22.34 -1.95 18.23
N SER B 489 21.55 -1.69 17.20
CA SER B 489 20.10 -1.82 17.28
C SER B 489 19.65 -3.26 17.09
N ALA B 490 18.74 -3.68 17.96
CA ALA B 490 18.22 -5.03 17.90
C ALA B 490 17.05 -5.20 16.95
N PHE B 491 16.13 -4.24 16.96
CA PHE B 491 14.93 -4.33 16.11
C PHE B 491 15.12 -4.86 14.69
N ASN B 492 16.36 -4.89 14.20
CA ASN B 492 16.62 -5.39 12.84
C ASN B 492 16.76 -6.90 12.79
N ASP B 493 16.57 -7.55 13.93
CA ASP B 493 16.67 -9.00 13.97
C ASP B 493 15.26 -9.51 13.69
N LEU B 494 15.14 -10.40 12.73
CA LEU B 494 13.85 -10.97 12.35
C LEU B 494 13.73 -12.44 12.76
N ASP B 495 12.56 -13.03 12.46
CA ASP B 495 12.34 -14.43 12.76
C ASP B 495 12.71 -15.26 11.53
N ASP B 496 12.76 -16.58 11.71
CA ASP B 496 13.12 -17.47 10.62
C ASP B 496 11.87 -18.01 9.93
N TRP B 497 11.35 -17.26 8.96
CA TRP B 497 10.16 -17.69 8.23
C TRP B 497 10.57 -18.84 7.31
N ARG B 498 9.97 -20.02 7.52
CA ARG B 498 10.29 -21.20 6.70
C ARG B 498 9.68 -21.13 5.30
N PHE B 499 10.05 -20.11 4.54
CA PHE B 499 9.54 -19.89 3.18
C PHE B 499 9.52 -21.12 2.28
N ALA B 500 10.65 -21.80 2.13
CA ALA B 500 10.72 -22.99 1.29
C ALA B 500 9.56 -23.95 1.56
N ASP B 501 9.19 -24.08 2.83
CA ASP B 501 8.10 -24.97 3.24
C ASP B 501 6.73 -24.36 2.99
N MET B 502 6.69 -23.06 2.68
CA MET B 502 5.45 -22.34 2.41
C MET B 502 5.13 -22.30 0.91
N ALA B 503 6.13 -22.56 0.08
CA ALA B 503 6.00 -22.53 -1.38
C ALA B 503 5.00 -23.55 -1.95
N ALA B 504 4.68 -24.56 -1.16
CA ALA B 504 3.75 -25.58 -1.61
C ALA B 504 2.33 -25.04 -1.61
N GLY B 505 2.01 -24.25 -0.60
CA GLY B 505 0.67 -23.67 -0.49
C GLY B 505 0.26 -22.86 -1.71
N MET B 506 1.16 -22.00 -2.18
CA MET B 506 0.90 -21.16 -3.35
C MET B 506 1.11 -21.96 -4.62
N GLY B 507 1.48 -23.23 -4.48
CA GLY B 507 1.68 -24.07 -5.64
C GLY B 507 2.98 -23.89 -6.38
N GLY B 508 4.08 -24.08 -5.64
CA GLY B 508 5.40 -23.96 -6.23
C GLY B 508 6.25 -25.07 -5.66
N ASP B 509 7.55 -25.01 -5.92
CA ASP B 509 8.47 -26.00 -5.39
C ASP B 509 9.53 -25.26 -4.60
N GLY B 510 9.42 -25.32 -3.28
CA GLY B 510 10.36 -24.62 -2.40
C GLY B 510 11.51 -25.48 -1.90
N VAL B 511 12.66 -24.86 -1.65
CA VAL B 511 13.84 -25.60 -1.18
C VAL B 511 14.88 -24.77 -0.41
N ARG B 512 14.88 -24.90 0.91
CA ARG B 512 15.85 -24.16 1.73
C ARG B 512 17.25 -24.80 1.68
N VAL B 513 18.25 -23.99 1.41
CA VAL B 513 19.62 -24.47 1.34
C VAL B 513 20.50 -23.83 2.43
N ARG B 514 21.41 -24.61 3.00
CA ARG B 514 22.31 -24.14 4.04
C ARG B 514 23.73 -24.03 3.53
N THR B 515 24.11 -24.94 2.61
CA THR B 515 25.47 -24.96 2.06
C THR B 515 25.52 -24.70 0.57
N ARG B 516 26.72 -24.33 0.11
CA ARG B 516 26.99 -24.02 -1.30
C ARG B 516 26.72 -25.20 -2.23
N ALA B 517 26.64 -26.40 -1.67
CA ALA B 517 26.39 -27.59 -2.45
C ALA B 517 24.90 -27.65 -2.72
N GLU B 518 24.13 -27.55 -1.64
CA GLU B 518 22.68 -27.59 -1.72
C GLU B 518 22.24 -26.43 -2.58
N LEU B 519 23.15 -25.47 -2.72
CA LEU B 519 22.90 -24.26 -3.50
C LEU B 519 23.07 -24.54 -4.98
N LYS B 520 24.28 -24.90 -5.40
CA LYS B 520 24.51 -25.16 -6.80
C LYS B 520 23.56 -26.23 -7.30
N ALA B 521 23.39 -27.28 -6.50
CA ALA B 521 22.50 -28.38 -6.86
C ALA B 521 21.06 -27.94 -7.09
N ALA B 522 20.53 -27.18 -6.14
CA ALA B 522 19.15 -26.69 -6.24
C ALA B 522 18.89 -25.86 -7.49
N LEU B 523 19.79 -24.94 -7.81
CA LEU B 523 19.62 -24.09 -8.99
C LEU B 523 19.45 -24.90 -10.28
N ASP B 524 20.38 -25.83 -10.51
CA ASP B 524 20.33 -26.67 -11.70
C ASP B 524 18.94 -27.23 -11.80
N LYS B 525 18.48 -27.82 -10.70
CA LYS B 525 17.16 -28.42 -10.64
C LYS B 525 16.11 -27.45 -11.15
N ALA B 526 16.09 -26.26 -10.55
CA ALA B 526 15.15 -25.21 -10.87
C ALA B 526 15.01 -24.89 -12.35
N PHE B 527 16.11 -24.92 -13.09
CA PHE B 527 16.07 -24.63 -14.51
C PHE B 527 15.46 -25.77 -15.29
N ALA B 528 15.51 -26.96 -14.69
CA ALA B 528 14.97 -28.15 -15.31
C ALA B 528 13.47 -28.21 -15.08
N THR B 529 13.07 -27.90 -13.85
CA THR B 529 11.66 -27.91 -13.45
C THR B 529 10.91 -26.70 -13.97
N ARG B 530 9.96 -26.94 -14.87
CA ARG B 530 9.15 -25.86 -15.43
C ARG B 530 7.67 -26.10 -15.20
N GLY B 531 6.90 -25.01 -15.15
CA GLY B 531 5.46 -25.14 -14.94
C GLY B 531 5.05 -24.71 -13.55
N ARG B 532 5.97 -24.83 -12.61
CA ARG B 532 5.74 -24.43 -11.24
C ARG B 532 6.86 -23.42 -10.91
N PHE B 533 6.53 -22.35 -10.19
CA PHE B 533 7.58 -21.39 -9.86
C PHE B 533 8.57 -22.04 -8.91
N GLN B 534 9.86 -21.82 -9.16
CA GLN B 534 10.92 -22.39 -8.34
C GLN B 534 11.45 -21.39 -7.31
N LEU B 535 11.32 -21.72 -6.03
CA LEU B 535 11.77 -20.84 -4.96
C LEU B 535 12.92 -21.44 -4.16
N ILE B 536 14.12 -20.89 -4.32
CA ILE B 536 15.31 -21.37 -3.63
C ILE B 536 15.64 -20.52 -2.40
N GLU B 537 15.22 -20.98 -1.23
CA GLU B 537 15.47 -20.27 0.02
C GLU B 537 16.93 -20.37 0.44
N ALA B 538 17.70 -19.31 0.17
CA ALA B 538 19.12 -19.26 0.49
C ALA B 538 19.41 -18.83 1.93
N MET B 539 19.91 -19.74 2.74
CA MET B 539 20.21 -19.44 4.14
C MET B 539 21.55 -18.79 4.30
N ILE B 540 21.50 -17.50 4.63
CA ILE B 540 22.70 -16.69 4.82
C ILE B 540 22.76 -16.21 6.27
N PRO B 541 23.98 -15.99 6.79
CA PRO B 541 24.12 -15.53 8.18
C PRO B 541 24.27 -14.01 8.28
N ARG B 542 23.78 -13.45 9.38
CA ARG B 542 23.87 -12.02 9.59
C ARG B 542 25.32 -11.59 9.56
N GLY B 543 25.57 -10.41 9.00
CA GLY B 543 26.93 -9.90 8.90
C GLY B 543 27.49 -10.14 7.50
N VAL B 544 27.32 -11.35 7.01
CA VAL B 544 27.83 -11.73 5.69
C VAL B 544 27.13 -10.89 4.61
N LEU B 545 27.90 -10.02 3.96
CA LEU B 545 27.33 -9.17 2.92
C LEU B 545 27.85 -9.47 1.52
N SER B 546 27.62 -8.54 0.62
CA SER B 546 28.04 -8.68 -0.77
C SER B 546 29.23 -7.80 -1.04
N ASP B 547 30.06 -8.21 -1.97
CA ASP B 547 31.22 -7.41 -2.28
C ASP B 547 30.79 -5.99 -2.59
N THR B 548 29.82 -5.82 -3.48
CA THR B 548 29.40 -4.48 -3.83
C THR B 548 28.78 -3.73 -2.66
N LEU B 549 28.05 -4.43 -1.81
CA LEU B 549 27.47 -3.76 -0.64
C LEU B 549 28.58 -3.43 0.34
N ALA B 550 29.66 -4.22 0.31
CA ALA B 550 30.80 -3.99 1.19
C ALA B 550 31.36 -2.61 0.84
N ARG B 551 31.86 -2.50 -0.40
CA ARG B 551 32.43 -1.27 -0.93
C ARG B 551 31.56 -0.06 -0.63
N PHE B 552 30.25 -0.22 -0.78
CA PHE B 552 29.31 0.85 -0.53
C PHE B 552 29.42 1.38 0.89
N VAL B 553 29.37 0.48 1.87
CA VAL B 553 29.47 0.89 3.27
C VAL B 553 30.82 1.53 3.56
N GLN B 554 31.89 0.79 3.32
CA GLN B 554 33.24 1.32 3.55
C GLN B 554 33.33 2.75 3.02
N GLY B 555 32.54 3.06 1.99
CA GLY B 555 32.57 4.39 1.40
C GLY B 555 31.77 5.48 2.10
N GLN B 556 31.10 5.15 3.19
CA GLN B 556 30.32 6.13 3.93
C GLN B 556 31.06 6.57 5.20
N LYS B 557 32.18 5.91 5.45
CA LYS B 557 33.02 6.21 6.60
C LYS B 557 34.00 7.32 6.20
N ARG B 558 34.44 7.26 4.93
CA ARG B 558 35.36 8.23 4.35
C ARG B 558 35.79 7.73 2.97
#